data_9FE6
#
_entry.id   9FE6
#
_cell.length_a   56.673
_cell.length_b   122.989
_cell.length_c   163.347
_cell.angle_alpha   90
_cell.angle_beta   90
_cell.angle_gamma   90
#
_symmetry.space_group_name_H-M   'P 21 21 21'
#
loop_
_entity.id
_entity.type
_entity.pdbx_description
1 polymer 'SDR family oxidoreductase'
2 non-polymer 'MAGNESIUM ION'
3 water water
#
_entity_poly.entity_id   1
_entity_poly.type   'polypeptide(L)'
_entity_poly.pdbx_seq_one_letter_code
;MGSSHHHHHHGSGLVPRGSAGMDPKSLVGKHALVTGASRGIGAAIAEALAQAGARLTLVARKLQDLEERVERLRAWTEVQ
GEVGDVADPQAMESLVHRAQERFGPVAILVNNAGFVLTAPFLEINEELWQRHIEVNLGAAYRLIRLLLPGMLEMGWGRII
NISSTAGLTGYPYAVPYCAAKHGLIGLTRALALELAQRGITVNAICPGFTDTDLLQASVLRVAQRTARAPEAVLELFARR
NPQGRLVRPEEVAWAVVWLCSEKAAAINGQAIAVAGGEVMVG
;
_entity_poly.pdbx_strand_id   A,B,C,D,E
#
loop_
_chem_comp.id
_chem_comp.type
_chem_comp.name
_chem_comp.formula
MG non-polymer 'MAGNESIUM ION' 'Mg 2'
#
# COMPACT_ATOMS: atom_id res chain seq x y z
N MET A 22 -20.64 -0.92 -20.48
CA MET A 22 -21.93 -0.58 -19.89
C MET A 22 -23.04 -0.54 -20.96
N ASP A 23 -24.30 -0.68 -20.51
CA ASP A 23 -25.49 -0.69 -21.36
C ASP A 23 -25.96 0.77 -21.64
N PRO A 24 -26.66 1.07 -22.77
CA PRO A 24 -27.09 2.47 -23.00
C PRO A 24 -28.16 2.96 -22.02
N LYS A 25 -29.03 2.07 -21.48
CA LYS A 25 -30.08 2.45 -20.53
C LYS A 25 -29.78 1.79 -19.16
N SER A 26 -28.55 1.98 -18.64
CA SER A 26 -28.15 1.38 -17.35
C SER A 26 -28.59 2.20 -16.13
N LEU A 27 -28.24 3.50 -16.06
CA LEU A 27 -28.56 4.37 -14.91
C LEU A 27 -29.82 5.18 -15.12
N VAL A 28 -30.80 4.66 -15.89
CA VAL A 28 -32.05 5.37 -16.13
C VAL A 28 -32.85 5.45 -14.83
N GLY A 29 -33.30 6.65 -14.48
CA GLY A 29 -34.06 6.88 -13.26
C GLY A 29 -33.20 7.03 -12.01
N LYS A 30 -31.90 7.36 -12.18
CA LYS A 30 -30.98 7.56 -11.06
C LYS A 30 -30.53 9.01 -11.08
N HIS A 31 -30.75 9.75 -9.99
CA HIS A 31 -30.35 11.15 -9.92
C HIS A 31 -28.88 11.18 -9.47
N ALA A 32 -28.02 11.77 -10.31
CA ALA A 32 -26.59 11.92 -10.04
C ALA A 32 -26.25 13.40 -9.89
N LEU A 33 -25.52 13.76 -8.82
CA LEU A 33 -25.06 15.12 -8.57
C LEU A 33 -23.53 15.13 -8.70
N VAL A 34 -23.00 16.03 -9.56
CA VAL A 34 -21.58 16.14 -9.84
C VAL A 34 -21.11 17.57 -9.55
N THR A 35 -20.06 17.73 -8.72
CA THR A 35 -19.45 19.04 -8.45
C THR A 35 -18.25 19.24 -9.36
N GLY A 36 -17.91 20.51 -9.62
CA GLY A 36 -16.83 20.88 -10.55
C GLY A 36 -17.13 20.36 -11.94
N ALA A 37 -18.40 20.50 -12.36
CA ALA A 37 -18.94 19.91 -13.58
C ALA A 37 -18.86 20.77 -14.84
N SER A 38 -18.53 22.07 -14.75
CA SER A 38 -18.52 22.93 -15.93
C SER A 38 -17.41 22.62 -16.93
N ARG A 39 -16.21 22.18 -16.47
CA ARG A 39 -15.07 21.90 -17.35
C ARG A 39 -14.20 20.73 -16.85
N GLY A 40 -13.31 20.24 -17.74
CA GLY A 40 -12.32 19.21 -17.47
C GLY A 40 -12.86 17.84 -17.10
N ILE A 41 -12.37 17.31 -15.97
CA ILE A 41 -12.76 15.99 -15.47
C ILE A 41 -14.27 15.96 -15.15
N GLY A 42 -14.76 16.98 -14.45
CA GLY A 42 -16.17 17.07 -14.10
C GLY A 42 -17.11 17.06 -15.29
N ALA A 43 -16.74 17.76 -16.36
CA ALA A 43 -17.52 17.80 -17.60
C ALA A 43 -17.58 16.40 -18.25
N ALA A 44 -16.44 15.68 -18.30
CA ALA A 44 -16.37 14.34 -18.88
C ALA A 44 -17.18 13.34 -18.05
N ILE A 45 -17.18 13.50 -16.71
CA ILE A 45 -17.95 12.63 -15.82
C ILE A 45 -19.43 12.83 -16.10
N ALA A 46 -19.87 14.10 -16.17
CA ALA A 46 -21.26 14.45 -16.47
C ALA A 46 -21.67 13.87 -17.83
N GLU A 47 -20.80 13.97 -18.85
CA GLU A 47 -21.08 13.43 -20.17
C GLU A 47 -21.24 11.91 -20.16
N ALA A 48 -20.38 11.19 -19.44
CA ALA A 48 -20.47 9.74 -19.36
C ALA A 48 -21.72 9.28 -18.60
N LEU A 49 -22.08 9.99 -17.53
CA LEU A 49 -23.30 9.68 -16.76
C LEU A 49 -24.55 10.00 -17.57
N ALA A 50 -24.51 11.06 -18.40
CA ALA A 50 -25.64 11.44 -19.26
C ALA A 50 -25.88 10.40 -20.35
N GLN A 51 -24.80 9.89 -20.97
CA GLN A 51 -24.91 8.85 -21.99
C GLN A 51 -25.41 7.52 -21.39
N ALA A 52 -25.20 7.29 -20.07
CA ALA A 52 -25.70 6.13 -19.36
C ALA A 52 -27.19 6.26 -18.93
N GLY A 53 -27.80 7.45 -19.09
CA GLY A 53 -29.20 7.70 -18.79
C GLY A 53 -29.54 8.28 -17.42
N ALA A 54 -28.56 8.76 -16.66
CA ALA A 54 -28.80 9.32 -15.33
C ALA A 54 -29.33 10.76 -15.42
N ARG A 55 -30.23 11.17 -14.50
CA ARG A 55 -30.74 12.56 -14.45
C ARG A 55 -29.65 13.33 -13.69
N LEU A 56 -29.14 14.43 -14.26
CA LEU A 56 -28.01 15.14 -13.66
C LEU A 56 -28.24 16.53 -13.05
N THR A 57 -27.57 16.77 -11.92
CA THR A 57 -27.50 18.07 -11.25
C THR A 57 -26.03 18.42 -11.32
N LEU A 58 -25.68 19.48 -12.05
CA LEU A 58 -24.30 19.88 -12.25
C LEU A 58 -24.04 21.12 -11.43
N VAL A 59 -23.04 21.08 -10.53
CA VAL A 59 -22.68 22.19 -9.67
C VAL A 59 -21.32 22.76 -10.09
N ALA A 60 -21.22 24.09 -10.18
CA ALA A 60 -19.98 24.79 -10.55
C ALA A 60 -19.96 26.20 -9.94
N ARG A 61 -18.77 26.80 -9.80
CA ARG A 61 -18.65 28.15 -9.25
C ARG A 61 -19.15 29.23 -10.20
N LYS A 62 -18.85 29.11 -11.52
CA LYS A 62 -19.22 30.12 -12.53
C LYS A 62 -20.44 29.73 -13.36
N LEU A 63 -21.24 30.75 -13.75
CA LEU A 63 -22.43 30.57 -14.58
C LEU A 63 -22.04 30.26 -16.03
N GLN A 64 -20.97 30.90 -16.54
CA GLN A 64 -20.56 30.84 -17.94
C GLN A 64 -20.56 29.41 -18.59
N ASP A 65 -19.56 28.56 -18.35
CA ASP A 65 -19.48 27.24 -18.99
C ASP A 65 -20.48 26.22 -18.44
N LEU A 66 -21.13 26.50 -17.29
CA LEU A 66 -22.10 25.56 -16.72
C LEU A 66 -23.35 25.48 -17.59
N GLU A 67 -23.95 26.63 -17.96
CA GLU A 67 -25.16 26.65 -18.80
C GLU A 67 -24.90 26.02 -20.17
N GLU A 68 -23.71 26.25 -20.76
CA GLU A 68 -23.36 25.67 -22.06
C GLU A 68 -23.27 24.15 -21.95
N ARG A 69 -22.69 23.63 -20.85
CA ARG A 69 -22.57 22.19 -20.63
C ARG A 69 -23.95 21.56 -20.45
N VAL A 70 -24.85 22.24 -19.71
CA VAL A 70 -26.21 21.76 -19.48
C VAL A 70 -26.97 21.66 -20.80
N GLU A 71 -26.90 22.70 -21.65
CA GLU A 71 -27.58 22.70 -22.95
C GLU A 71 -27.07 21.57 -23.86
N ARG A 72 -25.74 21.34 -23.88
CA ARG A 72 -25.15 20.27 -24.67
C ARG A 72 -25.59 18.89 -24.19
N LEU A 73 -25.58 18.66 -22.86
CA LEU A 73 -25.94 17.36 -22.30
C LEU A 73 -27.44 17.07 -22.27
N ARG A 74 -28.33 18.05 -22.53
CA ARG A 74 -29.77 17.78 -22.61
C ARG A 74 -30.16 16.90 -23.82
N ALA A 75 -29.25 16.72 -24.79
CA ALA A 75 -29.49 15.83 -25.94
C ALA A 75 -29.53 14.35 -25.50
N TRP A 76 -28.88 13.98 -24.37
CA TRP A 76 -28.84 12.60 -23.87
C TRP A 76 -29.79 12.35 -22.70
N THR A 77 -30.00 13.33 -21.78
CA THR A 77 -30.81 13.12 -20.58
C THR A 77 -31.37 14.45 -20.00
N GLU A 78 -32.21 14.38 -18.92
CA GLU A 78 -32.72 15.56 -18.22
C GLU A 78 -31.57 16.12 -17.38
N VAL A 79 -31.12 17.35 -17.68
CA VAL A 79 -30.01 18.00 -16.97
C VAL A 79 -30.47 19.29 -16.27
N GLN A 80 -29.80 19.64 -15.18
CA GLN A 80 -30.07 20.81 -14.35
C GLN A 80 -28.74 21.41 -13.92
N GLY A 81 -28.64 22.73 -13.90
CA GLY A 81 -27.43 23.43 -13.49
C GLY A 81 -27.68 24.27 -12.25
N GLU A 82 -26.73 24.28 -11.33
CA GLU A 82 -26.84 25.05 -10.10
C GLU A 82 -25.48 25.66 -9.78
N VAL A 83 -25.44 26.98 -9.54
CA VAL A 83 -24.20 27.68 -9.23
C VAL A 83 -24.09 27.84 -7.71
N GLY A 84 -22.91 27.60 -7.17
CA GLY A 84 -22.68 27.71 -5.74
C GLY A 84 -21.26 27.37 -5.36
N ASP A 85 -20.81 27.92 -4.22
CA ASP A 85 -19.47 27.66 -3.70
C ASP A 85 -19.60 26.48 -2.74
N VAL A 86 -18.94 25.37 -3.05
CA VAL A 86 -18.98 24.15 -2.21
C VAL A 86 -18.37 24.38 -0.81
N ALA A 87 -17.52 25.42 -0.65
CA ALA A 87 -16.92 25.77 0.64
C ALA A 87 -17.97 26.39 1.59
N ASP A 88 -18.97 27.10 1.05
CA ASP A 88 -20.03 27.74 1.84
C ASP A 88 -21.09 26.69 2.25
N PRO A 89 -21.24 26.31 3.55
CA PRO A 89 -22.26 25.31 3.90
C PRO A 89 -23.72 25.75 3.68
N GLN A 90 -24.05 27.01 3.99
CA GLN A 90 -25.42 27.50 3.84
C GLN A 90 -25.86 27.49 2.37
N ALA A 91 -24.96 27.89 1.46
CA ALA A 91 -25.25 27.89 0.02
C ALA A 91 -25.51 26.46 -0.48
N MET A 92 -24.71 25.48 -0.02
CA MET A 92 -24.88 24.09 -0.43
C MET A 92 -26.13 23.46 0.17
N GLU A 93 -26.49 23.80 1.41
CA GLU A 93 -27.70 23.28 2.06
C GLU A 93 -28.95 23.67 1.25
N SER A 94 -29.00 24.94 0.77
CA SER A 94 -30.11 25.44 -0.04
C SER A 94 -30.10 24.83 -1.46
N LEU A 95 -28.91 24.75 -2.08
CA LEU A 95 -28.73 24.17 -3.42
C LEU A 95 -29.21 22.72 -3.47
N VAL A 96 -28.85 21.92 -2.45
CA VAL A 96 -29.24 20.51 -2.37
C VAL A 96 -30.78 20.41 -2.30
N HIS A 97 -31.41 21.23 -1.46
CA HIS A 97 -32.87 21.24 -1.32
C HIS A 97 -33.57 21.53 -2.66
N ARG A 98 -33.07 22.51 -3.42
CA ARG A 98 -33.66 22.87 -4.72
C ARG A 98 -33.50 21.73 -5.73
N ALA A 99 -32.31 21.09 -5.79
CA ALA A 99 -32.04 20.00 -6.72
C ALA A 99 -32.88 18.76 -6.41
N GLN A 100 -32.99 18.38 -5.12
CA GLN A 100 -33.80 17.22 -4.73
C GLN A 100 -35.30 17.48 -4.91
N GLU A 101 -35.74 18.75 -4.85
CA GLU A 101 -37.14 19.09 -5.11
C GLU A 101 -37.50 18.79 -6.57
N ARG A 102 -36.57 19.07 -7.51
CA ARG A 102 -36.79 18.87 -8.95
C ARG A 102 -36.60 17.41 -9.43
N PHE A 103 -35.47 16.75 -9.08
CA PHE A 103 -35.17 15.38 -9.54
C PHE A 103 -35.20 14.30 -8.45
N GLY A 104 -35.75 14.58 -7.28
CA GLY A 104 -35.83 13.60 -6.21
C GLY A 104 -34.51 13.37 -5.49
N PRO A 105 -34.43 12.40 -4.56
CA PRO A 105 -33.17 12.19 -3.83
C PRO A 105 -32.01 11.77 -4.70
N VAL A 106 -30.80 12.19 -4.32
CA VAL A 106 -29.58 11.89 -5.07
C VAL A 106 -29.13 10.46 -4.75
N ALA A 107 -28.97 9.61 -5.77
CA ALA A 107 -28.52 8.23 -5.66
C ALA A 107 -27.01 8.12 -5.90
N ILE A 108 -26.45 8.96 -6.80
CA ILE A 108 -25.02 8.94 -7.13
C ILE A 108 -24.42 10.33 -6.85
N LEU A 109 -23.42 10.41 -5.96
CA LEU A 109 -22.74 11.66 -5.66
C LEU A 109 -21.29 11.54 -6.12
N VAL A 110 -20.84 12.48 -6.97
CA VAL A 110 -19.46 12.51 -7.43
C VAL A 110 -18.84 13.79 -6.89
N ASN A 111 -17.98 13.68 -5.87
CA ASN A 111 -17.31 14.85 -5.29
C ASN A 111 -16.07 15.16 -6.12
N ASN A 112 -16.13 16.21 -6.94
CA ASN A 112 -15.03 16.61 -7.82
C ASN A 112 -14.66 18.10 -7.65
N ALA A 113 -14.46 18.54 -6.42
CA ALA A 113 -14.03 19.91 -6.13
C ALA A 113 -12.54 19.83 -5.80
N GLY A 114 -11.72 20.65 -6.42
CA GLY A 114 -10.28 20.64 -6.19
C GLY A 114 -9.66 22.02 -6.18
N PHE A 115 -8.51 22.14 -5.51
CA PHE A 115 -7.74 23.37 -5.39
C PHE A 115 -6.29 23.03 -5.06
N VAL A 116 -5.34 23.56 -5.82
CA VAL A 116 -3.94 23.33 -5.56
C VAL A 116 -3.14 24.58 -5.88
N LEU A 117 -2.32 25.02 -4.93
CA LEU A 117 -1.38 26.09 -5.12
C LEU A 117 -0.07 25.57 -4.57
N THR A 118 0.84 25.23 -5.47
CA THR A 118 2.12 24.64 -5.09
C THR A 118 3.06 25.72 -4.61
N ALA A 119 3.78 25.45 -3.53
CA ALA A 119 4.75 26.40 -2.96
C ALA A 119 5.67 25.69 -1.93
N PRO A 120 6.85 26.26 -1.56
CA PRO A 120 7.61 25.65 -0.46
C PRO A 120 6.79 25.67 0.83
N PHE A 121 6.90 24.60 1.63
CA PHE A 121 6.14 24.42 2.87
C PHE A 121 6.09 25.67 3.77
N LEU A 122 7.24 26.34 3.96
CA LEU A 122 7.31 27.53 4.81
C LEU A 122 6.57 28.74 4.23
N GLU A 123 6.26 28.75 2.93
CA GLU A 123 5.50 29.85 2.32
C GLU A 123 3.99 29.57 2.33
N ILE A 124 3.51 28.59 3.12
CA ILE A 124 2.09 28.25 3.20
C ILE A 124 1.54 28.75 4.52
N ASN A 125 0.83 29.89 4.47
CA ASN A 125 0.22 30.49 5.67
C ASN A 125 -1.05 29.71 6.07
N GLU A 126 -1.60 30.02 7.26
CA GLU A 126 -2.81 29.36 7.78
C GLU A 126 -3.97 29.45 6.80
N GLU A 127 -4.17 30.60 6.15
CA GLU A 127 -5.28 30.78 5.21
C GLU A 127 -5.16 29.82 4.02
N LEU A 128 -3.97 29.70 3.42
CA LEU A 128 -3.77 28.83 2.27
C LEU A 128 -3.86 27.36 2.66
N TRP A 129 -3.35 27.00 3.85
CA TRP A 129 -3.46 25.64 4.37
C TRP A 129 -4.95 25.27 4.52
N GLN A 130 -5.74 26.15 5.13
CA GLN A 130 -7.17 25.92 5.35
C GLN A 130 -7.93 25.81 4.04
N ARG A 131 -7.56 26.58 3.02
CA ARG A 131 -8.23 26.54 1.73
C ARG A 131 -8.06 25.17 1.07
N HIS A 132 -6.85 24.60 1.13
CA HIS A 132 -6.58 23.26 0.60
C HIS A 132 -7.43 22.21 1.34
N ILE A 133 -7.50 22.30 2.67
CA ILE A 133 -8.27 21.34 3.47
C ILE A 133 -9.78 21.47 3.20
N GLU A 134 -10.32 22.68 3.17
CA GLU A 134 -11.75 22.89 2.97
C GLU A 134 -12.26 22.53 1.57
N VAL A 135 -11.54 22.90 0.50
CA VAL A 135 -11.98 22.62 -0.87
C VAL A 135 -11.81 21.13 -1.22
N ASN A 136 -10.63 20.56 -0.96
CA ASN A 136 -10.33 19.17 -1.31
C ASN A 136 -10.88 18.10 -0.38
N LEU A 137 -11.19 18.42 0.88
CA LEU A 137 -11.69 17.43 1.83
C LEU A 137 -13.03 17.84 2.50
N GLY A 138 -13.07 19.03 3.07
CA GLY A 138 -14.25 19.52 3.79
C GLY A 138 -15.53 19.60 2.96
N ALA A 139 -15.42 19.99 1.70
CA ALA A 139 -16.58 20.08 0.82
C ALA A 139 -17.21 18.71 0.57
N ALA A 140 -16.38 17.65 0.42
CA ALA A 140 -16.89 16.30 0.22
C ALA A 140 -17.62 15.83 1.48
N TYR A 141 -17.06 16.10 2.67
CA TYR A 141 -17.67 15.76 3.95
C TYR A 141 -19.09 16.39 4.05
N ARG A 142 -19.21 17.69 3.77
CA ARG A 142 -20.49 18.39 3.90
C ARG A 142 -21.54 17.91 2.90
N LEU A 143 -21.12 17.66 1.66
CA LEU A 143 -22.06 17.16 0.65
C LEU A 143 -22.51 15.73 0.96
N ILE A 144 -21.62 14.88 1.48
CA ILE A 144 -21.99 13.51 1.85
C ILE A 144 -22.98 13.59 3.04
N ARG A 145 -22.69 14.45 4.02
CA ARG A 145 -23.57 14.66 5.18
C ARG A 145 -25.00 15.08 4.74
N LEU A 146 -25.11 15.93 3.72
CA LEU A 146 -26.40 16.37 3.22
C LEU A 146 -27.15 15.34 2.37
N LEU A 147 -26.45 14.52 1.56
CA LEU A 147 -27.10 13.58 0.63
C LEU A 147 -27.15 12.13 1.09
N LEU A 148 -26.43 11.75 2.14
CA LEU A 148 -26.44 10.38 2.64
C LEU A 148 -27.81 9.95 3.23
N PRO A 149 -28.59 10.79 3.94
CA PRO A 149 -29.91 10.34 4.41
C PRO A 149 -30.83 9.84 3.29
N GLY A 150 -30.82 10.52 2.15
CA GLY A 150 -31.58 10.10 0.99
C GLY A 150 -31.16 8.74 0.46
N MET A 151 -29.85 8.48 0.44
CA MET A 151 -29.30 7.20 -0.02
C MET A 151 -29.67 6.07 0.95
N LEU A 152 -29.62 6.34 2.26
CA LEU A 152 -29.98 5.33 3.25
C LEU A 152 -31.47 5.01 3.14
N GLU A 153 -32.33 6.04 2.95
CA GLU A 153 -33.77 5.86 2.78
C GLU A 153 -34.07 4.97 1.55
N MET A 154 -33.37 5.20 0.43
CA MET A 154 -33.56 4.41 -0.79
C MET A 154 -32.98 3.00 -0.70
N GLY A 155 -32.03 2.76 0.20
CA GLY A 155 -31.37 1.47 0.34
C GLY A 155 -30.29 1.20 -0.70
N TRP A 156 -29.94 2.22 -1.51
CA TRP A 156 -28.93 2.10 -2.56
C TRP A 156 -28.26 3.45 -2.77
N GLY A 157 -26.96 3.42 -3.05
CA GLY A 157 -26.24 4.65 -3.34
C GLY A 157 -24.82 4.42 -3.76
N ARG A 158 -24.21 5.47 -4.31
CA ARG A 158 -22.83 5.45 -4.75
C ARG A 158 -22.21 6.79 -4.43
N ILE A 159 -21.16 6.78 -3.61
CA ILE A 159 -20.40 7.98 -3.28
C ILE A 159 -19.04 7.76 -3.93
N ILE A 160 -18.67 8.63 -4.88
CA ILE A 160 -17.42 8.54 -5.63
C ILE A 160 -16.66 9.84 -5.40
N ASN A 161 -15.51 9.74 -4.73
CA ASN A 161 -14.68 10.89 -4.41
C ASN A 161 -13.53 11.00 -5.39
N ILE A 162 -13.45 12.12 -6.14
CA ILE A 162 -12.35 12.30 -7.08
C ILE A 162 -11.23 12.88 -6.25
N SER A 163 -10.21 12.05 -5.97
CA SER A 163 -9.08 12.48 -5.21
C SER A 163 -7.94 12.83 -6.21
N SER A 164 -6.85 12.06 -6.23
CA SER A 164 -5.69 12.33 -7.07
C SER A 164 -4.59 11.34 -6.70
N THR A 165 -3.55 11.25 -7.52
CA THR A 165 -2.36 10.48 -7.16
C THR A 165 -1.70 11.12 -5.91
N ALA A 166 -1.94 12.45 -5.65
CA ALA A 166 -1.48 13.14 -4.44
C ALA A 166 -2.20 12.63 -3.16
N GLY A 167 -3.27 11.84 -3.31
CA GLY A 167 -3.94 11.17 -2.20
C GLY A 167 -3.33 9.80 -1.88
N LEU A 168 -2.45 9.29 -2.76
CA LEU A 168 -1.80 7.99 -2.63
C LEU A 168 -0.28 8.07 -2.49
N THR A 169 0.32 9.18 -2.91
CA THR A 169 1.76 9.39 -2.78
C THR A 169 2.02 10.90 -2.58
N GLY A 170 3.24 11.22 -2.17
CA GLY A 170 3.63 12.60 -1.95
C GLY A 170 4.22 13.24 -3.19
N TYR A 171 4.25 14.58 -3.19
CA TYR A 171 4.84 15.38 -4.25
C TYR A 171 5.53 16.56 -3.56
N PRO A 172 6.77 16.92 -3.90
CA PRO A 172 7.38 18.09 -3.25
C PRO A 172 6.62 19.37 -3.62
N TYR A 173 6.60 20.36 -2.71
CA TYR A 173 5.90 21.64 -2.94
C TYR A 173 4.38 21.51 -3.06
N ALA A 174 3.79 20.37 -2.63
CA ALA A 174 2.34 20.18 -2.65
C ALA A 174 1.90 19.52 -1.34
N VAL A 175 2.50 19.92 -0.21
CA VAL A 175 2.22 19.33 1.10
C VAL A 175 0.73 19.50 1.50
N PRO A 176 0.12 20.71 1.47
CA PRO A 176 -1.30 20.81 1.82
C PRO A 176 -2.23 20.04 0.87
N TYR A 177 -1.91 20.02 -0.43
CA TYR A 177 -2.71 19.29 -1.41
C TYR A 177 -2.66 17.77 -1.11
N CYS A 178 -1.46 17.23 -0.84
CA CYS A 178 -1.29 15.80 -0.50
C CYS A 178 -1.99 15.45 0.81
N ALA A 179 -1.86 16.31 1.83
CA ALA A 179 -2.51 16.10 3.12
C ALA A 179 -4.04 16.04 2.95
N ALA A 180 -4.64 16.98 2.19
CA ALA A 180 -6.09 16.98 2.01
C ALA A 180 -6.57 15.82 1.14
N LYS A 181 -5.84 15.50 0.06
CA LYS A 181 -6.23 14.40 -0.82
C LYS A 181 -6.07 13.05 -0.14
N HIS A 182 -5.05 12.87 0.73
CA HIS A 182 -4.89 11.64 1.50
C HIS A 182 -6.05 11.53 2.51
N GLY A 183 -6.45 12.64 3.12
CA GLY A 183 -7.59 12.70 4.01
C GLY A 183 -8.87 12.27 3.34
N LEU A 184 -9.04 12.55 2.05
CA LEU A 184 -10.22 12.13 1.30
C LEU A 184 -10.24 10.60 1.10
N ILE A 185 -9.05 9.95 0.98
CA ILE A 185 -8.94 8.49 0.92
C ILE A 185 -9.34 7.89 2.30
N GLY A 186 -8.91 8.53 3.39
CA GLY A 186 -9.26 8.11 4.74
C GLY A 186 -10.75 8.22 5.00
N LEU A 187 -11.38 9.29 4.51
CA LEU A 187 -12.83 9.46 4.60
C LEU A 187 -13.51 8.32 3.81
N THR A 188 -13.05 8.10 2.57
CA THR A 188 -13.54 7.04 1.69
C THR A 188 -13.53 5.66 2.36
N ARG A 189 -12.38 5.27 2.95
CA ARG A 189 -12.18 3.97 3.55
C ARG A 189 -13.06 3.71 4.78
N ALA A 190 -13.08 4.67 5.70
CA ALA A 190 -13.85 4.55 6.93
C ALA A 190 -15.35 4.54 6.63
N LEU A 191 -15.82 5.41 5.72
CA LEU A 191 -17.25 5.45 5.37
C LEU A 191 -17.68 4.19 4.59
N ALA A 192 -16.77 3.61 3.77
CA ALA A 192 -17.08 2.37 3.05
C ALA A 192 -17.38 1.23 4.03
N LEU A 193 -16.66 1.18 5.16
CA LEU A 193 -16.88 0.15 6.15
C LEU A 193 -18.16 0.43 6.94
N GLU A 194 -18.39 1.69 7.29
CA GLU A 194 -19.59 2.09 8.02
C GLU A 194 -20.87 1.79 7.23
N LEU A 195 -20.89 2.04 5.91
CA LEU A 195 -22.07 1.81 5.07
C LEU A 195 -22.03 0.49 4.30
N ALA A 196 -21.11 -0.42 4.62
CA ALA A 196 -20.94 -1.67 3.87
C ALA A 196 -22.22 -2.49 3.70
N GLN A 197 -23.03 -2.64 4.77
CA GLN A 197 -24.27 -3.40 4.71
C GLN A 197 -25.51 -2.51 4.58
N ARG A 198 -25.37 -1.30 4.01
CA ARG A 198 -26.47 -0.34 3.84
C ARG A 198 -26.79 -0.03 2.36
N GLY A 199 -26.28 -0.84 1.43
CA GLY A 199 -26.56 -0.70 0.00
C GLY A 199 -25.75 0.36 -0.73
N ILE A 200 -24.81 1.02 -0.02
CA ILE A 200 -24.00 2.11 -0.57
C ILE A 200 -22.52 1.73 -0.60
N THR A 201 -21.84 2.02 -1.73
CA THR A 201 -20.41 1.83 -1.88
C THR A 201 -19.76 3.22 -1.90
N VAL A 202 -18.58 3.34 -1.29
CA VAL A 202 -17.83 4.59 -1.20
C VAL A 202 -16.46 4.26 -1.78
N ASN A 203 -16.07 4.92 -2.89
CA ASN A 203 -14.80 4.69 -3.56
C ASN A 203 -14.17 6.01 -4.00
N ALA A 204 -12.85 6.00 -4.22
CA ALA A 204 -12.10 7.16 -4.68
C ALA A 204 -11.44 6.86 -6.01
N ILE A 205 -11.44 7.83 -6.92
CA ILE A 205 -10.74 7.73 -8.20
C ILE A 205 -9.63 8.75 -8.13
N CYS A 206 -8.40 8.31 -8.41
CA CYS A 206 -7.19 9.08 -8.21
C CYS A 206 -6.44 9.32 -9.53
N PRO A 207 -6.87 10.33 -10.32
CA PRO A 207 -6.15 10.59 -11.58
C PRO A 207 -4.80 11.24 -11.38
N GLY A 208 -3.89 10.98 -12.31
CA GLY A 208 -2.62 11.68 -12.39
C GLY A 208 -2.83 12.97 -13.16
N PHE A 209 -1.77 13.51 -13.81
CA PHE A 209 -1.92 14.74 -14.58
C PHE A 209 -2.82 14.47 -15.79
N THR A 210 -3.96 15.20 -15.87
CA THR A 210 -5.00 15.02 -16.87
C THR A 210 -4.99 16.19 -17.84
N ASP A 211 -5.22 15.88 -19.13
CA ASP A 211 -5.23 16.86 -20.21
C ASP A 211 -6.50 17.72 -20.15
N THR A 212 -6.44 18.81 -19.40
CA THR A 212 -7.54 19.76 -19.26
C THR A 212 -7.14 21.12 -19.82
N ASP A 213 -8.11 22.05 -20.02
CA ASP A 213 -7.80 23.39 -20.51
C ASP A 213 -6.89 24.12 -19.50
N LEU A 214 -7.09 23.89 -18.18
CA LEU A 214 -6.25 24.52 -17.17
C LEU A 214 -4.79 24.04 -17.29
N LEU A 215 -4.58 22.72 -17.47
CA LEU A 215 -3.23 22.20 -17.62
C LEU A 215 -2.58 22.70 -18.91
N GLN A 216 -3.34 22.73 -20.01
CA GLN A 216 -2.80 23.21 -21.29
C GLN A 216 -2.34 24.67 -21.21
N ALA A 217 -2.97 25.48 -20.34
CA ALA A 217 -2.55 26.87 -20.15
C ALA A 217 -1.20 26.91 -19.45
N SER A 218 -1.00 26.06 -18.43
CA SER A 218 0.27 25.98 -17.71
C SER A 218 1.41 25.44 -18.61
N VAL A 219 1.09 24.51 -19.53
CA VAL A 219 2.12 23.97 -20.43
C VAL A 219 2.52 25.04 -21.46
N LEU A 220 1.55 25.77 -22.02
CA LEU A 220 1.80 26.84 -22.98
C LEU A 220 2.55 28.00 -22.30
N ARG A 221 2.27 28.28 -21.02
CA ARG A 221 2.95 29.33 -20.25
C ARG A 221 4.44 29.00 -20.10
N VAL A 222 4.80 27.78 -19.65
CA VAL A 222 6.19 27.38 -19.48
C VAL A 222 6.92 27.28 -20.84
N ALA A 223 6.22 26.89 -21.92
CA ALA A 223 6.81 26.81 -23.27
C ALA A 223 7.19 28.21 -23.76
N GLN A 224 6.30 29.19 -23.55
CA GLN A 224 6.56 30.58 -23.91
C GLN A 224 7.59 31.23 -22.99
N ARG A 225 7.96 30.64 -21.84
CA ARG A 225 8.95 31.19 -20.91
C ARG A 225 10.32 30.51 -21.03
N THR A 226 10.40 29.30 -21.60
CA THR A 226 11.67 28.56 -21.74
C THR A 226 12.12 28.45 -23.23
N ALA A 227 11.51 29.21 -24.17
CA ALA A 227 11.82 29.15 -25.61
C ALA A 227 11.72 27.73 -26.19
N ARG A 228 10.70 26.96 -25.74
CA ARG A 228 10.50 25.59 -26.20
C ARG A 228 9.13 25.41 -26.83
N ALA A 229 9.01 24.38 -27.67
CA ALA A 229 7.75 24.04 -28.30
C ALA A 229 6.80 23.48 -27.20
N PRO A 230 5.46 23.69 -27.26
CA PRO A 230 4.60 23.10 -26.21
C PRO A 230 4.69 21.58 -26.13
N GLU A 231 5.06 20.89 -27.22
CA GLU A 231 5.19 19.43 -27.23
C GLU A 231 6.35 18.97 -26.32
N ALA A 232 7.47 19.73 -26.33
CA ALA A 232 8.61 19.42 -25.48
C ALA A 232 8.29 19.66 -23.99
N VAL A 233 7.46 20.66 -23.69
CA VAL A 233 7.05 20.94 -22.30
C VAL A 233 6.03 19.90 -21.82
N LEU A 234 5.13 19.45 -22.71
CA LEU A 234 4.17 18.41 -22.43
C LEU A 234 4.90 17.12 -22.01
N GLU A 235 6.13 16.86 -22.53
CA GLU A 235 6.96 15.72 -22.12
C GLU A 235 7.31 15.80 -20.62
N LEU A 236 7.62 17.01 -20.09
CA LEU A 236 7.94 17.19 -18.67
C LEU A 236 6.75 16.83 -17.78
N PHE A 237 5.55 17.30 -18.15
CA PHE A 237 4.34 17.01 -17.40
C PHE A 237 3.98 15.52 -17.51
N ALA A 238 4.12 14.93 -18.69
CA ALA A 238 3.83 13.52 -18.90
C ALA A 238 4.94 12.58 -18.44
N ARG A 239 6.09 13.10 -17.94
CA ARG A 239 7.24 12.26 -17.56
C ARG A 239 6.94 11.28 -16.44
N ARG A 240 6.15 11.68 -15.46
CA ARG A 240 5.78 10.80 -14.37
C ARG A 240 4.85 9.66 -14.82
N ASN A 241 4.08 9.86 -15.89
CA ASN A 241 3.22 8.81 -16.43
C ASN A 241 4.10 7.85 -17.27
N PRO A 242 4.20 6.55 -16.90
CA PRO A 242 5.02 5.63 -17.71
C PRO A 242 4.59 5.50 -19.18
N GLN A 243 3.31 5.78 -19.48
CA GLN A 243 2.79 5.70 -20.85
C GLN A 243 3.25 6.87 -21.77
N GLY A 244 3.90 7.88 -21.19
CA GLY A 244 4.47 8.99 -21.94
C GLY A 244 3.46 9.95 -22.51
N ARG A 245 2.29 10.03 -21.89
CA ARG A 245 1.20 10.91 -22.32
C ARG A 245 0.37 11.32 -21.09
N LEU A 246 -0.50 12.32 -21.25
CA LEU A 246 -1.37 12.74 -20.15
C LEU A 246 -2.60 11.85 -20.13
N VAL A 247 -3.25 11.77 -18.96
CA VAL A 247 -4.48 11.03 -18.83
C VAL A 247 -5.57 11.85 -19.52
N ARG A 248 -6.50 11.22 -20.26
CA ARG A 248 -7.60 11.93 -20.89
C ARG A 248 -8.76 12.07 -19.88
N PRO A 249 -9.52 13.20 -19.84
CA PRO A 249 -10.67 13.28 -18.91
C PRO A 249 -11.69 12.15 -19.07
N GLU A 250 -11.85 11.62 -20.30
CA GLU A 250 -12.78 10.52 -20.63
C GLU A 250 -12.38 9.24 -19.89
N GLU A 251 -11.06 9.02 -19.70
CA GLU A 251 -10.54 7.83 -19.00
C GLU A 251 -10.87 7.89 -17.50
N VAL A 252 -10.89 9.08 -16.90
CA VAL A 252 -11.29 9.25 -15.49
C VAL A 252 -12.80 8.97 -15.39
N ALA A 253 -13.58 9.55 -16.32
CA ALA A 253 -15.03 9.36 -16.38
C ALA A 253 -15.44 7.89 -16.57
N TRP A 254 -14.65 7.12 -17.34
CA TRP A 254 -14.89 5.70 -17.59
C TRP A 254 -14.84 4.90 -16.28
N ALA A 255 -13.89 5.24 -15.39
CA ALA A 255 -13.77 4.60 -14.08
C ALA A 255 -14.94 4.96 -13.15
N VAL A 256 -15.49 6.18 -13.28
CA VAL A 256 -16.63 6.65 -12.48
C VAL A 256 -17.91 5.87 -12.84
N VAL A 257 -18.25 5.82 -14.13
CA VAL A 257 -19.49 5.18 -14.58
C VAL A 257 -19.46 3.65 -14.34
N TRP A 258 -18.28 3.02 -14.43
CA TRP A 258 -18.09 1.60 -14.12
C TRP A 258 -18.57 1.28 -12.69
N LEU A 259 -18.25 2.16 -11.73
CA LEU A 259 -18.61 1.97 -10.33
C LEU A 259 -20.09 2.10 -10.07
N CYS A 260 -20.82 2.88 -10.87
CA CYS A 260 -22.25 3.09 -10.66
C CYS A 260 -23.13 1.87 -10.97
N SER A 261 -22.61 0.87 -11.68
CA SER A 261 -23.37 -0.34 -12.00
C SER A 261 -23.66 -1.17 -10.75
N GLU A 262 -24.74 -1.95 -10.79
CA GLU A 262 -25.05 -2.88 -9.70
C GLU A 262 -24.01 -4.02 -9.65
N LYS A 263 -23.37 -4.37 -10.80
CA LYS A 263 -22.33 -5.40 -10.82
C LYS A 263 -21.02 -4.92 -10.11
N ALA A 264 -20.90 -3.61 -9.80
CA ALA A 264 -19.77 -3.07 -9.07
C ALA A 264 -20.09 -2.90 -7.58
N ALA A 265 -21.07 -3.64 -7.04
CA ALA A 265 -21.41 -3.55 -5.62
C ALA A 265 -20.26 -4.09 -4.76
N ALA A 266 -19.50 -5.10 -5.23
CA ALA A 266 -18.35 -5.60 -4.48
C ALA A 266 -17.15 -4.65 -4.45
N ILE A 267 -17.17 -3.56 -5.26
CA ILE A 267 -16.08 -2.58 -5.27
C ILE A 267 -16.42 -1.57 -4.18
N ASN A 268 -15.74 -1.63 -3.03
CA ASN A 268 -16.04 -0.74 -1.92
C ASN A 268 -14.77 -0.42 -1.15
N GLY A 269 -14.59 0.85 -0.80
CA GLY A 269 -13.42 1.34 -0.07
C GLY A 269 -12.15 1.36 -0.89
N GLN A 270 -12.27 1.40 -2.22
CA GLN A 270 -11.10 1.33 -3.10
C GLN A 270 -10.66 2.66 -3.61
N ALA A 271 -9.36 2.77 -3.92
CA ALA A 271 -8.78 3.94 -4.54
C ALA A 271 -8.26 3.44 -5.88
N ILE A 272 -8.91 3.86 -6.98
CA ILE A 272 -8.57 3.45 -8.33
C ILE A 272 -7.68 4.53 -8.95
N ALA A 273 -6.40 4.23 -9.18
CA ALA A 273 -5.48 5.18 -9.81
C ALA A 273 -5.65 5.14 -11.33
N VAL A 274 -5.83 6.33 -11.94
CA VAL A 274 -5.97 6.49 -13.39
C VAL A 274 -4.76 7.36 -13.77
N ALA A 275 -3.59 6.72 -13.86
CA ALA A 275 -2.34 7.42 -14.08
C ALA A 275 -1.27 6.63 -14.90
N GLY A 276 -1.70 5.68 -15.73
CA GLY A 276 -0.80 4.91 -16.59
C GLY A 276 0.27 4.05 -15.94
N GLY A 277 0.23 3.90 -14.62
CA GLY A 277 1.21 3.13 -13.87
C GLY A 277 2.10 3.96 -12.96
N GLU A 278 1.87 5.29 -12.86
CA GLU A 278 2.66 6.18 -12.00
C GLU A 278 2.58 5.70 -10.55
N VAL A 279 1.36 5.41 -10.09
CA VAL A 279 1.09 4.86 -8.76
C VAL A 279 0.47 3.50 -9.04
N MET A 280 1.00 2.42 -8.43
CA MET A 280 0.47 1.08 -8.61
C MET A 280 -0.07 0.60 -7.26
N VAL A 281 -1.39 0.67 -7.11
CA VAL A 281 -2.08 0.39 -5.86
C VAL A 281 -2.03 -1.08 -5.41
N GLY A 282 -2.17 -1.28 -4.10
CA GLY A 282 -2.21 -2.61 -3.54
C GLY A 282 -2.65 -2.59 -2.07
N MET B 22 20.43 0.86 19.91
CA MET B 22 21.04 2.18 20.05
C MET B 22 22.13 2.19 21.12
N ASP B 23 23.10 3.12 20.98
CA ASP B 23 24.22 3.28 21.90
C ASP B 23 23.80 4.15 23.13
N PRO B 24 24.49 4.11 24.30
CA PRO B 24 24.06 4.97 25.42
C PRO B 24 24.22 6.48 25.17
N LYS B 25 25.26 6.89 24.41
CA LYS B 25 25.51 8.30 24.09
C LYS B 25 25.30 8.55 22.58
N SER B 26 24.14 8.15 22.04
CA SER B 26 23.86 8.31 20.61
C SER B 26 23.36 9.73 20.23
N LEU B 27 22.27 10.21 20.86
CA LEU B 27 21.69 11.52 20.54
C LEU B 27 22.16 12.62 21.51
N VAL B 28 23.39 12.53 22.01
CA VAL B 28 23.91 13.54 22.94
C VAL B 28 24.10 14.85 22.18
N GLY B 29 23.60 15.94 22.75
CA GLY B 29 23.68 17.26 22.15
C GLY B 29 22.61 17.54 21.11
N LYS B 30 21.50 16.77 21.12
CA LYS B 30 20.40 16.95 20.18
C LYS B 30 19.15 17.35 20.96
N HIS B 31 18.56 18.51 20.66
CA HIS B 31 17.35 18.97 21.35
C HIS B 31 16.13 18.32 20.67
N ALA B 32 15.37 17.54 21.44
CA ALA B 32 14.17 16.87 20.98
C ALA B 32 12.94 17.45 21.69
N LEU B 33 11.89 17.81 20.92
CA LEU B 33 10.64 18.33 21.45
C LEU B 33 9.54 17.28 21.18
N VAL B 34 8.81 16.86 22.24
CA VAL B 34 7.76 15.85 22.16
C VAL B 34 6.46 16.44 22.71
N THR B 35 5.36 16.34 21.92
CA THR B 35 4.03 16.78 22.35
C THR B 35 3.25 15.57 22.88
N GLY B 36 2.28 15.83 23.75
CA GLY B 36 1.50 14.79 24.41
C GLY B 36 2.41 13.90 25.25
N ALA B 37 3.37 14.53 25.96
CA ALA B 37 4.47 13.86 26.65
C ALA B 37 4.25 13.50 28.11
N SER B 38 3.18 13.97 28.76
CA SER B 38 2.98 13.68 30.18
C SER B 38 2.64 12.22 30.50
N ARG B 39 1.91 11.53 29.60
CA ARG B 39 1.49 10.15 29.83
C ARG B 39 1.44 9.33 28.52
N GLY B 40 1.32 8.00 28.68
CA GLY B 40 1.15 7.06 27.60
C GLY B 40 2.28 6.96 26.60
N ILE B 41 1.94 7.07 25.31
CA ILE B 41 2.91 6.96 24.21
C ILE B 41 3.96 8.07 24.29
N GLY B 42 3.51 9.30 24.48
CA GLY B 42 4.40 10.45 24.62
C GLY B 42 5.41 10.32 25.74
N ALA B 43 4.99 9.80 26.89
CA ALA B 43 5.87 9.57 28.04
C ALA B 43 6.95 8.53 27.70
N ALA B 44 6.57 7.42 27.05
CA ALA B 44 7.50 6.38 26.67
C ALA B 44 8.49 6.86 25.59
N ILE B 45 8.04 7.72 24.67
CA ILE B 45 8.90 8.30 23.64
C ILE B 45 9.95 9.17 24.33
N ALA B 46 9.51 10.04 25.24
CA ALA B 46 10.41 10.90 26.01
C ALA B 46 11.42 10.06 26.79
N GLU B 47 10.99 8.97 27.42
CA GLU B 47 11.88 8.09 28.17
C GLU B 47 12.95 7.44 27.28
N ALA B 48 12.57 6.97 26.09
CA ALA B 48 13.52 6.36 25.16
C ALA B 48 14.53 7.37 24.62
N LEU B 49 14.06 8.60 24.32
CA LEU B 49 14.94 9.67 23.86
C LEU B 49 15.89 10.13 24.97
N ALA B 50 15.42 10.14 26.23
CA ALA B 50 16.23 10.51 27.39
C ALA B 50 17.34 9.48 27.63
N GLN B 51 17.02 8.18 27.52
CA GLN B 51 18.03 7.13 27.69
C GLN B 51 19.07 7.15 26.56
N ALA B 52 18.72 7.69 25.38
CA ALA B 52 19.62 7.89 24.26
C ALA B 52 20.51 9.16 24.39
N GLY B 53 20.25 10.02 25.38
CA GLY B 53 21.04 11.22 25.63
C GLY B 53 20.58 12.54 25.03
N ALA B 54 19.35 12.60 24.50
CA ALA B 54 18.84 13.84 23.92
C ALA B 54 18.35 14.82 24.99
N ARG B 55 18.52 16.14 24.77
CA ARG B 55 18.00 17.17 25.69
C ARG B 55 16.50 17.28 25.34
N LEU B 56 15.59 17.17 26.31
CA LEU B 56 14.15 17.15 26.01
C LEU B 56 13.31 18.33 26.45
N THR B 57 12.35 18.70 25.59
CA THR B 57 11.30 19.67 25.87
C THR B 57 10.02 18.85 25.77
N LEU B 58 9.30 18.73 26.88
CA LEU B 58 8.08 17.94 26.95
C LEU B 58 6.88 18.89 27.03
N VAL B 59 5.94 18.77 26.07
CA VAL B 59 4.75 19.61 26.00
C VAL B 59 3.50 18.79 26.34
N ALA B 60 2.61 19.32 27.20
CA ALA B 60 1.37 18.65 27.61
C ALA B 60 0.30 19.69 27.99
N ARG B 61 -0.98 19.29 27.98
CA ARG B 61 -2.08 20.21 28.32
C ARG B 61 -2.13 20.53 29.81
N LYS B 62 -1.89 19.54 30.68
CA LYS B 62 -1.97 19.71 32.14
C LYS B 62 -0.61 19.77 32.82
N LEU B 63 -0.54 20.53 33.93
CA LEU B 63 0.68 20.65 34.75
C LEU B 63 0.93 19.34 35.52
N GLN B 64 -0.15 18.70 36.00
CA GLN B 64 -0.01 17.43 36.71
C GLN B 64 0.44 16.37 35.71
N ASP B 65 1.28 15.46 36.19
CA ASP B 65 1.91 14.40 35.40
C ASP B 65 3.09 14.93 34.55
N LEU B 66 3.04 16.18 34.03
CA LEU B 66 4.16 16.72 33.25
C LEU B 66 5.38 16.95 34.15
N GLU B 67 5.20 17.66 35.28
CA GLU B 67 6.33 17.92 36.19
C GLU B 67 6.89 16.63 36.81
N GLU B 68 6.04 15.64 37.09
CA GLU B 68 6.48 14.36 37.64
C GLU B 68 7.33 13.62 36.59
N ARG B 69 6.92 13.66 35.31
CA ARG B 69 7.66 13.01 34.23
C ARG B 69 9.03 13.68 34.03
N VAL B 70 9.07 15.01 34.12
CA VAL B 70 10.30 15.78 33.98
C VAL B 70 11.28 15.39 35.10
N GLU B 71 10.82 15.35 36.36
CA GLU B 71 11.66 14.97 37.51
C GLU B 71 12.22 13.55 37.36
N ARG B 72 11.38 12.60 36.90
CA ARG B 72 11.80 11.21 36.70
C ARG B 72 12.85 11.11 35.60
N LEU B 73 12.65 11.81 34.47
CA LEU B 73 13.57 11.72 33.33
C LEU B 73 14.87 12.52 33.50
N ARG B 74 14.98 13.40 34.52
CA ARG B 74 16.23 14.11 34.77
C ARG B 74 17.37 13.18 35.24
N ALA B 75 17.06 11.93 35.64
CA ALA B 75 18.06 10.93 36.01
C ALA B 75 18.92 10.52 34.81
N TRP B 76 18.41 10.66 33.56
CA TRP B 76 19.13 10.30 32.35
C TRP B 76 19.67 11.48 31.53
N THR B 77 18.96 12.63 31.51
CA THR B 77 19.37 13.78 30.67
C THR B 77 18.81 15.14 31.19
N GLU B 78 19.16 16.27 30.52
CA GLU B 78 18.62 17.59 30.83
C GLU B 78 17.19 17.64 30.26
N VAL B 79 16.17 17.77 31.14
CA VAL B 79 14.76 17.78 30.72
C VAL B 79 14.10 19.11 31.11
N GLN B 80 13.06 19.49 30.37
CA GLN B 80 12.30 20.71 30.59
C GLN B 80 10.85 20.50 30.20
N GLY B 81 9.93 21.12 30.93
CA GLY B 81 8.50 20.97 30.71
C GLY B 81 7.84 22.27 30.36
N GLU B 82 6.84 22.22 29.45
CA GLU B 82 6.08 23.40 29.04
C GLU B 82 4.60 23.01 28.86
N VAL B 83 3.68 23.80 29.42
CA VAL B 83 2.24 23.54 29.33
C VAL B 83 1.65 24.42 28.22
N GLY B 84 0.82 23.83 27.36
CA GLY B 84 0.19 24.56 26.27
C GLY B 84 -0.72 23.70 25.42
N ASP B 85 -1.70 24.33 24.74
CA ASP B 85 -2.63 23.63 23.86
C ASP B 85 -2.05 23.73 22.44
N VAL B 86 -1.74 22.58 21.82
CA VAL B 86 -1.16 22.55 20.47
C VAL B 86 -2.13 23.08 19.40
N ALA B 87 -3.45 23.11 19.68
CA ALA B 87 -4.45 23.66 18.75
C ALA B 87 -4.34 25.19 18.68
N ASP B 88 -3.95 25.86 19.79
CA ASP B 88 -3.82 27.31 19.84
C ASP B 88 -2.48 27.74 19.16
N PRO B 89 -2.49 28.42 17.99
CA PRO B 89 -1.20 28.82 17.38
C PRO B 89 -0.36 29.82 18.18
N GLN B 90 -1.02 30.83 18.81
CA GLN B 90 -0.32 31.85 19.57
C GLN B 90 0.40 31.25 20.77
N ALA B 91 -0.26 30.32 21.48
CA ALA B 91 0.34 29.65 22.63
C ALA B 91 1.56 28.83 22.23
N MET B 92 1.50 28.14 21.08
CA MET B 92 2.62 27.33 20.60
C MET B 92 3.77 28.20 20.09
N GLU B 93 3.47 29.33 19.43
CA GLU B 93 4.53 30.23 18.94
C GLU B 93 5.37 30.75 20.12
N SER B 94 4.72 31.10 21.25
CA SER B 94 5.40 31.58 22.44
C SER B 94 6.15 30.44 23.15
N LEU B 95 5.52 29.27 23.29
CA LEU B 95 6.12 28.09 23.92
C LEU B 95 7.41 27.65 23.20
N VAL B 96 7.39 27.64 21.87
CA VAL B 96 8.54 27.25 21.05
C VAL B 96 9.70 28.23 21.32
N HIS B 97 9.41 29.54 21.33
CA HIS B 97 10.42 30.57 21.60
C HIS B 97 11.08 30.37 22.97
N ARG B 98 10.30 30.07 24.02
CA ARG B 98 10.85 29.86 25.36
C ARG B 98 11.74 28.62 25.42
N ALA B 99 11.30 27.50 24.79
CA ALA B 99 12.05 26.24 24.77
C ALA B 99 13.36 26.36 24.00
N GLN B 100 13.33 27.02 22.82
CA GLN B 100 14.55 27.20 22.02
C GLN B 100 15.52 28.21 22.68
N GLU B 101 15.02 29.13 23.50
CA GLU B 101 15.86 30.07 24.23
C GLU B 101 16.72 29.32 25.27
N ARG B 102 16.15 28.29 25.92
CA ARG B 102 16.83 27.50 26.95
C ARG B 102 17.73 26.38 26.40
N PHE B 103 17.24 25.54 25.45
CA PHE B 103 18.02 24.42 24.89
C PHE B 103 18.43 24.55 23.41
N GLY B 104 18.31 25.74 22.83
CA GLY B 104 18.70 25.93 21.43
C GLY B 104 17.69 25.40 20.43
N PRO B 105 18.01 25.44 19.11
CA PRO B 105 17.02 24.96 18.13
C PRO B 105 16.69 23.48 18.25
N VAL B 106 15.46 23.12 17.89
CA VAL B 106 14.98 21.75 17.97
C VAL B 106 15.47 20.99 16.76
N ALA B 107 16.19 19.87 16.98
CA ALA B 107 16.70 18.99 15.93
C ALA B 107 15.74 17.83 15.66
N ILE B 108 15.04 17.34 16.70
CA ILE B 108 14.10 16.22 16.58
C ILE B 108 12.71 16.65 17.07
N LEU B 109 11.69 16.58 16.21
CA LEU B 109 10.31 16.93 16.57
C LEU B 109 9.45 15.67 16.50
N VAL B 110 8.76 15.34 17.60
CA VAL B 110 7.83 14.23 17.62
C VAL B 110 6.42 14.79 17.84
N ASN B 111 5.61 14.81 16.77
CA ASN B 111 4.24 15.30 16.86
C ASN B 111 3.34 14.17 17.37
N ASN B 112 2.92 14.25 18.63
CA ASN B 112 2.10 13.21 19.28
C ASN B 112 0.84 13.79 19.92
N ALA B 113 0.03 14.49 19.14
CA ALA B 113 -1.25 15.04 19.59
C ALA B 113 -2.37 14.27 18.88
N GLY B 114 -3.34 13.76 19.63
CA GLY B 114 -4.46 13.00 19.07
C GLY B 114 -5.80 13.30 19.72
N PHE B 115 -6.89 12.98 18.98
CA PHE B 115 -8.28 13.18 19.42
C PHE B 115 -9.20 12.32 18.58
N VAL B 116 -10.04 11.50 19.24
CA VAL B 116 -10.99 10.67 18.52
C VAL B 116 -12.30 10.58 19.28
N LEU B 117 -13.41 10.90 18.61
CA LEU B 117 -14.73 10.77 19.18
C LEU B 117 -15.51 10.02 18.12
N THR B 118 -15.71 8.75 18.36
CA THR B 118 -16.39 7.89 17.41
C THR B 118 -17.89 8.12 17.47
N ALA B 119 -18.54 8.16 16.30
CA ALA B 119 -19.99 8.36 16.18
C ALA B 119 -20.47 8.04 14.75
N PRO B 120 -21.78 7.80 14.48
CA PRO B 120 -22.21 7.66 13.07
C PRO B 120 -21.93 8.95 12.30
N PHE B 121 -21.52 8.83 11.03
CA PHE B 121 -21.15 9.97 10.21
C PHE B 121 -22.14 11.14 10.23
N LEU B 122 -23.44 10.85 10.17
CA LEU B 122 -24.49 11.89 10.18
C LEU B 122 -24.57 12.63 11.52
N GLU B 123 -24.07 12.05 12.61
CA GLU B 123 -24.05 12.72 13.91
C GLU B 123 -22.77 13.56 14.12
N ILE B 124 -21.97 13.83 13.07
CA ILE B 124 -20.75 14.61 13.19
C ILE B 124 -20.99 15.99 12.59
N ASN B 125 -21.20 16.99 13.45
CA ASN B 125 -21.41 18.36 13.01
C ASN B 125 -20.09 19.02 12.55
N GLU B 126 -20.17 20.21 11.93
CA GLU B 126 -19.00 20.96 11.44
C GLU B 126 -17.95 21.18 12.55
N GLU B 127 -18.39 21.54 13.75
CA GLU B 127 -17.48 21.79 14.87
C GLU B 127 -16.66 20.53 15.21
N LEU B 128 -17.32 19.37 15.35
CA LEU B 128 -16.62 18.12 15.70
C LEU B 128 -15.71 17.65 14.57
N TRP B 129 -16.13 17.85 13.31
CA TRP B 129 -15.31 17.53 12.16
C TRP B 129 -14.01 18.36 12.20
N GLN B 130 -14.14 19.68 12.43
CA GLN B 130 -13.00 20.60 12.49
C GLN B 130 -12.06 20.25 13.64
N ARG B 131 -12.59 19.84 14.78
CA ARG B 131 -11.74 19.47 15.93
C ARG B 131 -10.84 18.27 15.60
N HIS B 132 -11.38 17.25 14.92
CA HIS B 132 -10.59 16.09 14.49
C HIS B 132 -9.48 16.52 13.53
N ILE B 133 -9.81 17.40 12.57
CA ILE B 133 -8.82 17.88 11.61
C ILE B 133 -7.73 18.73 12.27
N GLU B 134 -8.10 19.66 13.16
CA GLU B 134 -7.13 20.55 13.80
C GLU B 134 -6.19 19.85 14.80
N VAL B 135 -6.71 18.94 15.64
CA VAL B 135 -5.88 18.27 16.64
C VAL B 135 -4.96 17.22 16.00
N ASN B 136 -5.51 16.36 15.14
CA ASN B 136 -4.76 15.27 14.52
C ASN B 136 -3.89 15.64 13.32
N LEU B 137 -4.17 16.77 12.64
CA LEU B 137 -3.40 17.15 11.47
C LEU B 137 -2.85 18.59 11.52
N GLY B 138 -3.72 19.56 11.79
CA GLY B 138 -3.36 20.98 11.83
C GLY B 138 -2.27 21.34 12.82
N ALA B 139 -2.30 20.72 14.01
CA ALA B 139 -1.30 20.98 15.05
C ALA B 139 0.12 20.58 14.58
N ALA B 140 0.25 19.44 13.87
CA ALA B 140 1.53 18.97 13.37
C ALA B 140 2.05 19.94 12.30
N TYR B 141 1.16 20.39 11.39
CA TYR B 141 1.50 21.37 10.37
C TYR B 141 2.11 22.65 11.01
N ARG B 142 1.43 23.22 12.02
CA ARG B 142 1.89 24.47 12.64
C ARG B 142 3.20 24.30 13.40
N LEU B 143 3.38 23.17 14.11
CA LEU B 143 4.63 22.94 14.82
C LEU B 143 5.80 22.71 13.85
N ILE B 144 5.57 22.01 12.72
CA ILE B 144 6.62 21.80 11.72
C ILE B 144 6.98 23.16 11.12
N ARG B 145 5.97 23.98 10.79
CA ARG B 145 6.20 25.31 10.24
C ARG B 145 7.07 26.18 11.18
N LEU B 146 6.87 26.08 12.50
CA LEU B 146 7.66 26.82 13.48
C LEU B 146 9.10 26.30 13.68
N LEU B 147 9.31 24.99 13.65
CA LEU B 147 10.62 24.39 13.95
C LEU B 147 11.48 23.99 12.73
N LEU B 148 10.90 23.94 11.53
CA LEU B 148 11.64 23.57 10.33
C LEU B 148 12.76 24.57 9.96
N PRO B 149 12.59 25.92 10.08
CA PRO B 149 13.72 26.81 9.74
C PRO B 149 14.99 26.50 10.53
N GLY B 150 14.84 26.18 11.81
CA GLY B 150 15.96 25.82 12.68
C GLY B 150 16.67 24.57 12.19
N MET B 151 15.90 23.56 11.75
CA MET B 151 16.45 22.31 11.20
C MET B 151 17.18 22.55 9.89
N LEU B 152 16.63 23.39 9.01
CA LEU B 152 17.27 23.71 7.74
C LEU B 152 18.58 24.46 8.00
N GLU B 153 18.59 25.41 8.96
CA GLU B 153 19.79 26.16 9.32
C GLU B 153 20.90 25.21 9.83
N MET B 154 20.55 24.23 10.66
CA MET B 154 21.51 23.24 11.18
C MET B 154 21.96 22.22 10.11
N GLY B 155 21.17 22.02 9.07
CA GLY B 155 21.47 21.05 8.02
C GLY B 155 21.14 19.61 8.39
N TRP B 156 20.45 19.39 9.52
CA TRP B 156 20.07 18.07 9.98
C TRP B 156 18.78 18.17 10.80
N GLY B 157 17.92 17.18 10.68
CA GLY B 157 16.69 17.15 11.45
C GLY B 157 15.92 15.86 11.29
N ARG B 158 14.95 15.67 12.17
CA ARG B 158 14.08 14.51 12.17
C ARG B 158 12.69 14.96 12.57
N ILE B 159 11.70 14.76 11.70
CA ILE B 159 10.30 15.06 11.97
C ILE B 159 9.63 13.68 12.00
N ILE B 160 9.04 13.33 13.16
CA ILE B 160 8.38 12.04 13.37
C ILE B 160 6.95 12.32 13.78
N ASN B 161 6.00 11.96 12.93
CA ASN B 161 4.57 12.18 13.16
C ASN B 161 3.92 10.92 13.71
N ILE B 162 3.34 10.99 14.92
CA ILE B 162 2.66 9.83 15.47
C ILE B 162 1.25 9.90 14.91
N SER B 163 0.97 9.02 13.93
CA SER B 163 -0.34 8.94 13.32
C SER B 163 -1.13 7.81 14.02
N SER B 164 -1.45 6.72 13.34
CA SER B 164 -2.25 5.62 13.87
C SER B 164 -2.51 4.61 12.76
N THR B 165 -3.02 3.44 13.09
CA THR B 165 -3.50 2.49 12.08
C THR B 165 -4.70 3.14 11.30
N ALA B 166 -5.42 4.10 11.91
CA ALA B 166 -6.50 4.84 11.25
C ALA B 166 -5.98 5.81 10.16
N GLY B 167 -4.66 6.01 10.08
CA GLY B 167 -4.01 6.75 9.01
C GLY B 167 -3.66 5.86 7.82
N LEU B 168 -3.78 4.52 7.97
CA LEU B 168 -3.47 3.52 6.96
C LEU B 168 -4.65 2.67 6.52
N THR B 169 -5.69 2.60 7.34
CA THR B 169 -6.90 1.85 7.04
C THR B 169 -8.11 2.55 7.66
N GLY B 170 -9.31 2.15 7.23
CA GLY B 170 -10.55 2.71 7.73
C GLY B 170 -11.09 1.96 8.93
N TYR B 171 -11.92 2.62 9.70
CA TYR B 171 -12.62 2.04 10.83
C TYR B 171 -14.04 2.59 10.79
N PRO B 172 -15.10 1.77 10.94
CA PRO B 172 -16.46 2.37 10.95
C PRO B 172 -16.62 3.29 12.17
N TYR B 173 -17.47 4.31 12.03
CA TYR B 173 -17.75 5.29 13.09
C TYR B 173 -16.54 6.14 13.47
N ALA B 174 -15.47 6.14 12.66
CA ALA B 174 -14.29 6.97 12.92
C ALA B 174 -13.86 7.68 11.63
N VAL B 175 -14.85 8.17 10.85
CA VAL B 175 -14.58 8.82 9.57
C VAL B 175 -13.69 10.07 9.73
N PRO B 176 -14.02 11.06 10.61
CA PRO B 176 -13.14 12.22 10.76
C PRO B 176 -11.74 11.88 11.28
N TYR B 177 -11.63 10.92 12.20
CA TYR B 177 -10.33 10.49 12.72
C TYR B 177 -9.48 9.87 11.60
N CYS B 178 -10.07 8.97 10.78
CA CYS B 178 -9.36 8.35 9.67
C CYS B 178 -8.95 9.38 8.62
N ALA B 179 -9.84 10.32 8.27
CA ALA B 179 -9.52 11.39 7.31
C ALA B 179 -8.35 12.24 7.81
N ALA B 180 -8.35 12.65 9.10
CA ALA B 180 -7.26 13.48 9.63
C ALA B 180 -5.94 12.71 9.74
N LYS B 181 -5.99 11.44 10.22
CA LYS B 181 -4.78 10.64 10.35
C LYS B 181 -4.19 10.27 8.99
N HIS B 182 -5.04 10.03 7.98
CA HIS B 182 -4.55 9.76 6.62
C HIS B 182 -3.88 11.04 6.06
N GLY B 183 -4.48 12.20 6.34
CA GLY B 183 -3.92 13.50 5.97
C GLY B 183 -2.53 13.72 6.56
N LEU B 184 -2.28 13.21 7.77
CA LEU B 184 -0.96 13.31 8.40
C LEU B 184 0.08 12.46 7.65
N ILE B 185 -0.33 11.29 7.09
CA ILE B 185 0.55 10.45 6.26
C ILE B 185 0.86 11.20 4.93
N GLY B 186 -0.13 11.87 4.36
CA GLY B 186 0.05 12.68 3.15
C GLY B 186 1.00 13.83 3.36
N LEU B 187 0.90 14.51 4.51
CA LEU B 187 1.82 15.58 4.90
C LEU B 187 3.22 14.97 5.04
N THR B 188 3.35 13.84 5.74
CA THR B 188 4.61 13.13 5.94
C THR B 188 5.31 12.79 4.61
N ARG B 189 4.57 12.20 3.65
CA ARG B 189 5.12 11.77 2.37
C ARG B 189 5.59 12.94 1.48
N ALA B 190 4.75 13.98 1.35
CA ALA B 190 5.08 15.12 0.51
C ALA B 190 6.27 15.90 1.08
N LEU B 191 6.30 16.09 2.41
CA LEU B 191 7.39 16.82 3.05
C LEU B 191 8.69 16.00 3.03
N ALA B 192 8.60 14.67 3.09
CA ALA B 192 9.80 13.82 2.97
C ALA B 192 10.50 14.02 1.63
N LEU B 193 9.73 14.19 0.55
CA LEU B 193 10.28 14.42 -0.77
C LEU B 193 10.83 15.84 -0.88
N GLU B 194 10.12 16.82 -0.33
CA GLU B 194 10.55 18.20 -0.37
C GLU B 194 11.87 18.42 0.39
N LEU B 195 12.05 17.76 1.54
CA LEU B 195 13.27 17.89 2.33
C LEU B 195 14.31 16.80 2.13
N ALA B 196 14.13 15.93 1.12
CA ALA B 196 15.03 14.80 0.88
C ALA B 196 16.52 15.15 0.82
N GLN B 197 16.88 16.24 0.12
CA GLN B 197 18.28 16.66 0.00
C GLN B 197 18.63 17.82 0.94
N ARG B 198 17.89 17.99 2.06
CA ARG B 198 18.17 19.05 3.04
C ARG B 198 18.62 18.51 4.42
N GLY B 199 18.99 17.24 4.52
CA GLY B 199 19.47 16.66 5.77
C GLY B 199 18.40 16.26 6.76
N ILE B 200 17.11 16.37 6.39
CA ILE B 200 15.98 16.08 7.27
C ILE B 200 15.15 14.92 6.71
N THR B 201 14.75 13.98 7.58
CA THR B 201 13.86 12.89 7.22
C THR B 201 12.51 13.15 7.89
N VAL B 202 11.42 12.77 7.20
CA VAL B 202 10.06 12.94 7.72
C VAL B 202 9.42 11.56 7.64
N ASN B 203 9.01 11.01 8.80
CA ASN B 203 8.39 9.68 8.88
C ASN B 203 7.20 9.68 9.83
N ALA B 204 6.31 8.68 9.69
CA ALA B 204 5.14 8.51 10.55
C ALA B 204 5.17 7.16 11.22
N ILE B 205 4.78 7.11 12.49
CA ILE B 205 4.66 5.87 13.24
C ILE B 205 3.17 5.71 13.53
N CYS B 206 2.62 4.54 13.18
CA CYS B 206 1.21 4.26 13.20
C CYS B 206 0.85 3.15 14.20
N PRO B 207 0.71 3.48 15.49
CA PRO B 207 0.35 2.43 16.45
C PRO B 207 -1.11 2.01 16.39
N GLY B 208 -1.34 0.74 16.73
CA GLY B 208 -2.68 0.22 16.95
C GLY B 208 -3.09 0.55 18.38
N PHE B 209 -4.07 -0.18 18.95
CA PHE B 209 -4.49 0.06 20.34
C PHE B 209 -3.32 -0.23 21.30
N THR B 210 -2.93 0.79 22.08
CA THR B 210 -1.80 0.76 23.00
C THR B 210 -2.27 0.78 24.47
N ASP B 211 -1.58 0.00 25.31
CA ASP B 211 -1.87 -0.13 26.73
C ASP B 211 -1.44 1.12 27.49
N THR B 212 -2.36 2.07 27.63
CA THR B 212 -2.12 3.31 28.38
C THR B 212 -3.05 3.40 29.59
N ASP B 213 -2.76 4.30 30.55
CA ASP B 213 -3.63 4.49 31.70
C ASP B 213 -5.03 4.96 31.25
N LEU B 214 -5.11 5.77 30.18
CA LEU B 214 -6.40 6.19 29.66
C LEU B 214 -7.19 5.00 29.11
N LEU B 215 -6.55 4.08 28.36
CA LEU B 215 -7.24 2.91 27.83
C LEU B 215 -7.71 1.99 28.97
N GLN B 216 -6.87 1.78 29.99
CA GLN B 216 -7.23 0.94 31.13
C GLN B 216 -8.45 1.50 31.87
N ALA B 217 -8.63 2.83 31.89
CA ALA B 217 -9.80 3.44 32.52
C ALA B 217 -11.05 3.17 31.67
N SER B 218 -10.95 3.20 30.33
CA SER B 218 -12.10 2.87 29.47
C SER B 218 -12.47 1.38 29.59
N VAL B 219 -11.47 0.49 29.76
CA VAL B 219 -11.70 -0.95 29.93
C VAL B 219 -12.46 -1.16 31.28
N LEU B 220 -11.96 -0.57 32.36
CA LEU B 220 -12.55 -0.65 33.70
C LEU B 220 -13.94 -0.05 33.72
N ARG B 221 -14.19 1.02 32.95
CA ARG B 221 -15.49 1.67 32.88
C ARG B 221 -16.52 0.73 32.22
N VAL B 222 -16.21 0.17 31.04
CA VAL B 222 -17.16 -0.74 30.38
C VAL B 222 -17.33 -2.06 31.17
N ALA B 223 -16.28 -2.54 31.87
CA ALA B 223 -16.39 -3.74 32.70
C ALA B 223 -17.37 -3.50 33.84
N GLN B 224 -17.29 -2.33 34.50
CA GLN B 224 -18.18 -1.95 35.59
C GLN B 224 -19.62 -1.71 35.11
N ARG B 225 -19.83 -1.42 33.82
CA ARG B 225 -21.14 -1.14 33.24
C ARG B 225 -21.80 -2.36 32.56
N THR B 226 -21.01 -3.39 32.17
CA THR B 226 -21.56 -4.60 31.54
C THR B 226 -21.48 -5.84 32.47
N ALA B 227 -21.19 -5.65 33.78
CA ALA B 227 -21.06 -6.73 34.78
C ALA B 227 -20.08 -7.82 34.34
N ARG B 228 -18.93 -7.41 33.80
CA ARG B 228 -17.87 -8.31 33.30
C ARG B 228 -16.53 -8.01 33.97
N ALA B 229 -15.62 -8.98 33.96
CA ALA B 229 -14.28 -8.76 34.51
C ALA B 229 -13.48 -7.88 33.54
N PRO B 230 -12.56 -6.98 34.01
CA PRO B 230 -11.78 -6.17 33.06
C PRO B 230 -10.95 -6.98 32.07
N GLU B 231 -10.55 -8.21 32.42
CA GLU B 231 -9.76 -9.07 31.54
C GLU B 231 -10.58 -9.51 30.31
N ALA B 232 -11.88 -9.77 30.50
CA ALA B 232 -12.79 -10.13 29.40
C ALA B 232 -13.00 -8.94 28.43
N VAL B 233 -13.04 -7.73 28.98
CA VAL B 233 -13.21 -6.50 28.19
C VAL B 233 -11.91 -6.20 27.40
N LEU B 234 -10.75 -6.45 28.02
CA LEU B 234 -9.46 -6.27 27.37
C LEU B 234 -9.33 -7.15 26.12
N GLU B 235 -9.98 -8.32 26.10
CA GLU B 235 -9.99 -9.22 24.94
C GLU B 235 -10.63 -8.53 23.72
N LEU B 236 -11.69 -7.73 23.94
CA LEU B 236 -12.41 -6.99 22.89
C LEU B 236 -11.48 -5.97 22.24
N PHE B 237 -10.73 -5.21 23.06
CA PHE B 237 -9.79 -4.23 22.55
C PHE B 237 -8.61 -4.89 21.81
N ALA B 238 -8.08 -5.98 22.36
CA ALA B 238 -6.96 -6.69 21.76
C ALA B 238 -7.32 -7.56 20.55
N ARG B 239 -8.63 -7.71 20.24
CA ARG B 239 -9.11 -8.59 19.17
C ARG B 239 -8.55 -8.26 17.77
N ARG B 240 -8.40 -6.98 17.45
CA ARG B 240 -7.89 -6.58 16.13
C ARG B 240 -6.40 -6.86 15.97
N ASN B 241 -5.65 -6.95 17.09
CA ASN B 241 -4.24 -7.23 17.04
C ASN B 241 -4.06 -8.75 16.86
N PRO B 242 -3.41 -9.24 15.78
CA PRO B 242 -3.22 -10.69 15.63
C PRO B 242 -2.39 -11.35 16.74
N GLN B 243 -1.58 -10.57 17.46
CA GLN B 243 -0.77 -11.09 18.57
C GLN B 243 -1.60 -11.36 19.85
N GLY B 244 -2.87 -10.95 19.88
CA GLY B 244 -3.78 -11.20 20.99
C GLY B 244 -3.49 -10.40 22.24
N ARG B 245 -2.85 -9.26 22.09
CA ARG B 245 -2.48 -8.38 23.20
C ARG B 245 -2.45 -6.93 22.72
N LEU B 246 -2.37 -5.97 23.64
CA LEU B 246 -2.25 -4.57 23.28
C LEU B 246 -0.79 -4.25 23.03
N VAL B 247 -0.55 -3.21 22.20
CA VAL B 247 0.79 -2.73 21.94
C VAL B 247 1.27 -2.04 23.23
N ARG B 248 2.56 -2.18 23.60
CA ARG B 248 3.10 -1.51 24.78
C ARG B 248 3.60 -0.11 24.36
N PRO B 249 3.45 0.95 25.18
CA PRO B 249 4.00 2.26 24.79
C PRO B 249 5.51 2.23 24.45
N GLU B 250 6.30 1.38 25.15
CA GLU B 250 7.75 1.24 24.89
C GLU B 250 8.04 0.75 23.46
N GLU B 251 7.14 -0.06 22.90
CA GLU B 251 7.30 -0.58 21.54
C GLU B 251 7.12 0.51 20.49
N VAL B 252 6.22 1.48 20.76
CA VAL B 252 6.03 2.63 19.87
C VAL B 252 7.29 3.49 19.96
N ALA B 253 7.76 3.75 21.20
CA ALA B 253 8.96 4.53 21.48
C ALA B 253 10.21 3.95 20.83
N TRP B 254 10.34 2.62 20.79
CA TRP B 254 11.47 1.93 20.17
C TRP B 254 11.58 2.28 18.68
N ALA B 255 10.44 2.35 17.97
CA ALA B 255 10.40 2.74 16.56
C ALA B 255 10.79 4.22 16.35
N VAL B 256 10.46 5.09 17.30
CA VAL B 256 10.80 6.52 17.25
C VAL B 256 12.31 6.74 17.39
N VAL B 257 12.91 6.20 18.45
CA VAL B 257 14.34 6.40 18.73
C VAL B 257 15.23 5.83 17.63
N TRP B 258 14.83 4.70 17.02
CA TRP B 258 15.52 4.06 15.91
C TRP B 258 15.70 5.06 14.74
N LEU B 259 14.66 5.84 14.44
CA LEU B 259 14.66 6.81 13.34
C LEU B 259 15.59 7.98 13.56
N CYS B 260 15.83 8.36 14.83
CA CYS B 260 16.68 9.51 15.14
C CYS B 260 18.17 9.29 14.88
N SER B 261 18.63 8.05 14.68
CA SER B 261 20.03 7.79 14.42
C SER B 261 20.43 8.28 13.02
N GLU B 262 21.74 8.55 12.83
CA GLU B 262 22.27 8.94 11.52
C GLU B 262 22.22 7.73 10.56
N LYS B 263 22.28 6.49 11.09
CA LYS B 263 22.18 5.30 10.25
C LYS B 263 20.74 5.09 9.71
N ALA B 264 19.75 5.85 10.21
CA ALA B 264 18.38 5.80 9.69
C ALA B 264 18.12 6.97 8.71
N ALA B 265 19.17 7.54 8.09
CA ALA B 265 19.00 8.63 7.13
C ALA B 265 18.25 8.14 5.89
N ALA B 266 18.46 6.89 5.45
CA ALA B 266 17.74 6.36 4.29
C ALA B 266 16.26 6.01 4.57
N ILE B 267 15.80 6.11 5.85
CA ILE B 267 14.39 5.88 6.18
C ILE B 267 13.72 7.25 6.04
N ASN B 268 12.93 7.44 4.99
CA ASN B 268 12.28 8.72 4.72
C ASN B 268 10.96 8.50 4.02
N GLY B 269 9.93 9.22 4.45
CA GLY B 269 8.58 9.11 3.91
C GLY B 269 7.86 7.83 4.25
N GLN B 270 8.28 7.15 5.33
CA GLN B 270 7.71 5.86 5.68
C GLN B 270 6.68 5.94 6.76
N ALA B 271 5.73 4.99 6.74
CA ALA B 271 4.71 4.83 7.75
C ALA B 271 4.98 3.48 8.38
N ILE B 272 5.47 3.48 9.63
CA ILE B 272 5.83 2.26 10.34
C ILE B 272 4.65 1.86 11.23
N ALA B 273 3.94 0.77 10.91
CA ALA B 273 2.83 0.29 11.72
C ALA B 273 3.33 -0.53 12.90
N VAL B 274 2.90 -0.16 14.12
CA VAL B 274 3.26 -0.83 15.36
C VAL B 274 1.93 -1.36 15.90
N ALA B 275 1.47 -2.48 15.32
CA ALA B 275 0.17 -3.05 15.61
C ALA B 275 0.09 -4.58 15.50
N GLY B 276 1.21 -5.28 15.68
CA GLY B 276 1.23 -6.74 15.69
C GLY B 276 0.86 -7.49 14.42
N GLY B 277 0.66 -6.76 13.33
CA GLY B 277 0.25 -7.33 12.05
C GLY B 277 -1.16 -6.95 11.63
N GLU B 278 -1.87 -6.07 12.39
CA GLU B 278 -3.23 -5.65 12.06
C GLU B 278 -3.24 -4.97 10.69
N VAL B 279 -2.27 -4.09 10.46
CA VAL B 279 -2.05 -3.40 9.20
C VAL B 279 -0.66 -3.85 8.74
N MET B 280 -0.54 -4.37 7.51
CA MET B 280 0.74 -4.81 6.97
C MET B 280 1.09 -3.89 5.77
N VAL B 281 1.97 -2.92 6.03
CA VAL B 281 2.32 -1.88 5.06
C VAL B 281 3.11 -2.39 3.84
N GLY B 282 2.96 -1.66 2.74
CA GLY B 282 3.67 -1.95 1.50
C GLY B 282 3.62 -0.76 0.54
N MET C 22 33.23 -4.73 25.91
CA MET C 22 32.16 -4.33 25.00
C MET C 22 30.92 -3.89 25.80
N ASP C 23 30.32 -2.75 25.42
CA ASP C 23 29.13 -2.23 26.11
C ASP C 23 27.78 -2.76 25.51
N PRO C 24 27.49 -2.72 24.17
CA PRO C 24 26.19 -3.24 23.69
C PRO C 24 26.01 -4.75 23.84
N LYS C 25 25.30 -5.16 24.91
CA LYS C 25 25.04 -6.56 25.23
C LYS C 25 23.54 -6.87 25.07
N SER C 26 22.96 -6.54 23.91
CA SER C 26 21.53 -6.74 23.66
C SER C 26 21.17 -8.18 23.22
N LEU C 27 21.81 -8.68 22.15
CA LEU C 27 21.50 -10.01 21.59
C LEU C 27 22.50 -11.08 22.09
N VAL C 28 23.04 -10.93 23.30
CA VAL C 28 24.00 -11.89 23.84
C VAL C 28 23.27 -13.22 24.10
N GLY C 29 23.86 -14.32 23.60
CA GLY C 29 23.29 -15.65 23.74
C GLY C 29 22.20 -15.98 22.73
N LYS C 30 22.16 -15.25 21.59
CA LYS C 30 21.17 -15.47 20.54
C LYS C 30 21.91 -15.90 19.30
N HIS C 31 21.60 -17.10 18.76
CA HIS C 31 22.24 -17.60 17.56
C HIS C 31 21.52 -17.01 16.36
N ALA C 32 22.26 -16.25 15.53
CA ALA C 32 21.75 -15.63 14.31
C ALA C 32 22.43 -16.24 13.09
N LEU C 33 21.64 -16.66 12.09
CA LEU C 33 22.15 -17.21 10.83
C LEU C 33 21.82 -16.18 9.73
N VAL C 34 22.87 -15.77 8.98
CA VAL C 34 22.75 -14.79 7.91
C VAL C 34 23.26 -15.37 6.60
N THR C 35 22.43 -15.36 5.55
CA THR C 35 22.82 -15.80 4.21
C THR C 35 23.29 -14.60 3.39
N GLY C 36 24.14 -14.86 2.38
CA GLY C 36 24.75 -13.82 1.56
C GLY C 36 25.59 -12.90 2.41
N ALA C 37 26.36 -13.49 3.34
CA ALA C 37 27.08 -12.77 4.38
C ALA C 37 28.53 -12.37 4.10
N SER C 38 29.17 -12.87 3.04
CA SER C 38 30.59 -12.56 2.79
C SER C 38 30.85 -11.12 2.38
N ARG C 39 29.89 -10.47 1.64
CA ARG C 39 30.06 -9.11 1.11
C ARG C 39 28.75 -8.30 1.09
N GLY C 40 28.88 -6.98 0.91
CA GLY C 40 27.78 -6.03 0.74
C GLY C 40 26.82 -5.87 1.91
N ILE C 41 25.51 -6.02 1.62
CA ILE C 41 24.44 -5.89 2.63
C ILE C 41 24.61 -6.97 3.70
N GLY C 42 24.82 -8.22 3.27
CA GLY C 42 25.02 -9.34 4.19
C GLY C 42 26.17 -9.15 5.17
N ALA C 43 27.28 -8.60 4.68
CA ALA C 43 28.45 -8.31 5.51
C ALA C 43 28.14 -7.22 6.56
N ALA C 44 27.43 -6.16 6.16
CA ALA C 44 27.04 -5.09 7.08
C ALA C 44 26.04 -5.60 8.13
N ILE C 45 25.14 -6.51 7.74
CA ILE C 45 24.17 -7.11 8.68
C ILE C 45 24.93 -7.94 9.71
N ALA C 46 25.85 -8.78 9.25
CA ALA C 46 26.68 -9.61 10.14
C ALA C 46 27.48 -8.74 11.11
N GLU C 47 28.05 -7.64 10.62
CA GLU C 47 28.80 -6.71 11.46
C GLU C 47 27.94 -6.07 12.55
N ALA C 48 26.72 -5.66 12.20
CA ALA C 48 25.82 -5.03 13.15
C ALA C 48 25.34 -6.03 14.20
N LEU C 49 25.04 -7.27 13.78
CA LEU C 49 24.62 -8.32 14.71
C LEU C 49 25.78 -8.76 15.63
N ALA C 50 27.02 -8.76 15.12
CA ALA C 50 28.19 -9.09 15.91
C ALA C 50 28.46 -8.04 16.99
N GLN C 51 28.32 -6.75 16.65
CA GLN C 51 28.51 -5.67 17.63
C GLN C 51 27.40 -5.69 18.70
N ALA C 52 26.22 -6.27 18.38
CA ALA C 52 25.12 -6.43 19.33
C ALA C 52 25.29 -7.66 20.27
N GLY C 53 26.28 -8.53 20.00
CA GLY C 53 26.59 -9.68 20.83
C GLY C 53 25.99 -11.02 20.40
N ALA C 54 25.42 -11.11 19.19
CA ALA C 54 24.82 -12.37 18.74
C ALA C 54 25.88 -13.36 18.25
N ARG C 55 25.67 -14.67 18.47
CA ARG C 55 26.59 -15.70 17.97
C ARG C 55 26.18 -15.90 16.51
N LEU C 56 27.14 -15.80 15.57
CA LEU C 56 26.80 -15.84 14.14
C LEU C 56 27.23 -17.04 13.32
N THR C 57 26.33 -17.47 12.42
CA THR C 57 26.60 -18.47 11.40
C THR C 57 26.46 -17.68 10.10
N LEU C 58 27.55 -17.55 9.34
CA LEU C 58 27.57 -16.78 8.10
C LEU C 58 27.63 -17.74 6.94
N VAL C 59 26.64 -17.66 6.03
CA VAL C 59 26.55 -18.55 4.88
C VAL C 59 26.82 -17.75 3.60
N ALA C 60 27.66 -18.29 2.71
CA ALA C 60 28.02 -17.66 1.44
C ALA C 60 28.37 -18.76 0.41
N ARG C 61 28.28 -18.42 -0.89
CA ARG C 61 28.61 -19.37 -1.95
C ARG C 61 30.11 -19.67 -2.03
N LYS C 62 30.95 -18.65 -1.84
CA LYS C 62 32.40 -18.78 -1.97
C LYS C 62 33.14 -18.79 -0.62
N LEU C 63 34.25 -19.54 -0.54
CA LEU C 63 35.15 -19.57 0.63
C LEU C 63 35.90 -18.21 0.74
N GLN C 64 36.20 -17.58 -0.42
CA GLN C 64 36.85 -16.27 -0.53
C GLN C 64 35.95 -15.25 0.13
N ASP C 65 36.55 -14.35 0.90
CA ASP C 65 35.86 -13.27 1.64
C ASP C 65 35.02 -13.78 2.83
N LEU C 66 34.49 -15.03 2.82
CA LEU C 66 33.73 -15.52 3.97
C LEU C 66 34.67 -15.75 5.16
N GLU C 67 35.79 -16.48 4.97
CA GLU C 67 36.74 -16.74 6.06
C GLU C 67 37.37 -15.46 6.60
N GLU C 68 37.67 -14.49 5.71
CA GLU C 68 38.24 -13.21 6.12
C GLU C 68 37.26 -12.41 6.97
N ARG C 69 35.96 -12.44 6.61
CA ARG C 69 34.91 -11.76 7.35
C ARG C 69 34.73 -12.40 8.74
N VAL C 70 34.80 -13.74 8.80
CA VAL C 70 34.68 -14.48 10.06
C VAL C 70 35.81 -14.10 11.01
N GLU C 71 37.07 -14.08 10.51
CA GLU C 71 38.24 -13.72 11.32
C GLU C 71 38.14 -12.28 11.87
N ARG C 72 37.67 -11.34 11.03
CA ARG C 72 37.49 -9.95 11.44
C ARG C 72 36.38 -9.80 12.49
N LEU C 73 35.24 -10.48 12.31
CA LEU C 73 34.12 -10.38 13.24
C LEU C 73 34.31 -11.16 14.56
N ARG C 74 35.33 -12.04 14.67
CA ARG C 74 35.60 -12.73 15.94
C ARG C 74 36.11 -11.77 17.05
N ALA C 75 36.48 -10.53 16.70
CA ALA C 75 36.88 -9.52 17.69
C ALA C 75 35.67 -9.05 18.53
N TRP C 76 34.43 -9.16 18.00
CA TRP C 76 33.21 -8.75 18.71
C TRP C 76 32.43 -9.92 19.32
N THR C 77 32.39 -11.11 18.66
CA THR C 77 31.56 -12.24 19.11
C THR C 77 32.09 -13.62 18.58
N GLU C 78 31.43 -14.75 18.98
CA GLU C 78 31.74 -16.09 18.49
C GLU C 78 31.13 -16.19 17.08
N VAL C 79 31.98 -16.37 16.05
CA VAL C 79 31.54 -16.44 14.65
C VAL C 79 31.91 -17.80 14.03
N GLN C 80 31.14 -18.23 13.03
CA GLN C 80 31.29 -19.48 12.32
C GLN C 80 30.95 -19.23 10.84
N GLY C 81 31.70 -19.83 9.93
CA GLY C 81 31.49 -19.69 8.49
C GLY C 81 31.12 -21.02 7.88
N GLU C 82 30.15 -21.02 6.97
CA GLU C 82 29.72 -22.23 6.28
C GLU C 82 29.46 -21.90 4.81
N VAL C 83 30.03 -22.70 3.90
CA VAL C 83 29.87 -22.52 2.47
C VAL C 83 28.78 -23.45 1.95
N GLY C 84 27.91 -22.93 1.09
CA GLY C 84 26.84 -23.73 0.52
C GLY C 84 25.96 -22.94 -0.40
N ASP C 85 25.32 -23.63 -1.35
CA ASP C 85 24.39 -23.01 -2.29
C ASP C 85 23.00 -23.10 -1.66
N VAL C 86 22.38 -21.95 -1.36
CA VAL C 86 21.04 -21.90 -0.74
C VAL C 86 19.94 -22.49 -1.66
N ALA C 87 20.19 -22.58 -2.98
CA ALA C 87 19.24 -23.18 -3.92
C ALA C 87 19.19 -24.71 -3.75
N ASP C 88 20.31 -25.35 -3.36
CA ASP C 88 20.37 -26.80 -3.16
C ASP C 88 19.76 -27.18 -1.79
N PRO C 89 18.59 -27.86 -1.72
CA PRO C 89 18.04 -28.23 -0.40
C PRO C 89 18.87 -29.20 0.43
N GLN C 90 19.49 -30.21 -0.20
CA GLN C 90 20.30 -31.20 0.52
C GLN C 90 21.52 -30.55 1.18
N ALA C 91 22.18 -29.64 0.48
CA ALA C 91 23.35 -28.93 1.00
C ALA C 91 22.96 -28.06 2.20
N MET C 92 21.79 -27.39 2.13
CA MET C 92 21.32 -26.54 3.22
C MET C 92 20.86 -27.36 4.42
N GLU C 93 20.21 -28.52 4.20
CA GLU C 93 19.77 -29.38 5.29
C GLU C 93 20.98 -29.83 6.13
N SER C 94 22.10 -30.19 5.47
CA SER C 94 23.32 -30.61 6.16
C SER C 94 24.01 -29.42 6.84
N LEU C 95 24.09 -28.26 6.15
CA LEU C 95 24.71 -27.05 6.68
C LEU C 95 24.02 -26.59 7.97
N VAL C 96 22.68 -26.59 7.98
CA VAL C 96 21.88 -26.18 9.13
C VAL C 96 22.19 -27.12 10.32
N HIS C 97 22.23 -28.44 10.07
CA HIS C 97 22.55 -29.43 11.10
C HIS C 97 23.91 -29.15 11.73
N ARG C 98 24.94 -28.85 10.92
CA ARG C 98 26.29 -28.57 11.43
C ARG C 98 26.33 -27.30 12.27
N ALA C 99 25.65 -26.23 11.80
CA ALA C 99 25.62 -24.95 12.50
C ALA C 99 24.87 -25.04 13.84
N GLN C 100 23.72 -25.74 13.86
CA GLN C 100 22.95 -25.91 15.10
C GLN C 100 23.67 -26.85 16.08
N GLU C 101 24.50 -27.77 15.59
CA GLU C 101 25.31 -28.63 16.45
C GLU C 101 26.34 -27.79 17.25
N ARG C 102 26.90 -26.74 16.64
CA ARG C 102 27.90 -25.89 17.28
C ARG C 102 27.32 -24.77 18.18
N PHE C 103 26.34 -24.00 17.67
CA PHE C 103 25.77 -22.86 18.42
C PHE C 103 24.31 -23.04 18.86
N GLY C 104 23.78 -24.26 18.79
CA GLY C 104 22.41 -24.52 19.19
C GLY C 104 21.38 -24.05 18.19
N PRO C 105 20.07 -24.13 18.53
CA PRO C 105 19.05 -23.69 17.57
C PRO C 105 19.14 -22.21 17.20
N VAL C 106 18.76 -21.89 15.96
CA VAL C 106 18.83 -20.53 15.43
C VAL C 106 17.63 -19.75 15.93
N ALA C 107 17.88 -18.60 16.58
CA ALA C 107 16.85 -17.71 17.10
C ALA C 107 16.53 -16.60 16.11
N ILE C 108 17.54 -16.12 15.33
CA ILE C 108 17.37 -15.03 14.37
C ILE C 108 17.80 -15.52 13.00
N LEU C 109 16.90 -15.49 12.01
CA LEU C 109 17.23 -15.89 10.66
C LEU C 109 17.11 -14.66 9.76
N VAL C 110 18.18 -14.32 9.04
CA VAL C 110 18.17 -13.21 8.09
C VAL C 110 18.36 -13.82 6.71
N ASN C 111 17.27 -13.88 5.92
CA ASN C 111 17.34 -14.41 4.56
C ASN C 111 17.80 -13.30 3.62
N ASN C 112 19.07 -13.31 3.22
CA ASN C 112 19.67 -12.31 2.35
C ASN C 112 20.31 -12.93 1.10
N ALA C 113 19.61 -13.86 0.45
CA ALA C 113 20.08 -14.46 -0.79
C ALA C 113 19.37 -13.74 -1.91
N GLY C 114 20.11 -13.27 -2.88
CA GLY C 114 19.54 -12.52 -3.99
C GLY C 114 20.19 -12.82 -5.31
N PHE C 115 19.44 -12.60 -6.38
CA PHE C 115 19.92 -12.80 -7.75
C PHE C 115 19.06 -11.97 -8.69
N VAL C 116 19.69 -11.16 -9.53
CA VAL C 116 18.97 -10.37 -10.50
C VAL C 116 19.76 -10.32 -11.80
N LEU C 117 19.10 -10.61 -12.91
CA LEU C 117 19.67 -10.47 -14.22
C LEU C 117 18.60 -9.74 -15.01
N THR C 118 18.81 -8.45 -15.25
CA THR C 118 17.85 -7.62 -15.94
C THR C 118 17.90 -7.90 -17.43
N ALA C 119 16.72 -7.98 -18.05
CA ALA C 119 16.58 -8.29 -19.48
C ALA C 119 15.14 -8.02 -19.95
N PRO C 120 14.86 -7.82 -21.26
CA PRO C 120 13.44 -7.75 -21.68
C PRO C 120 12.75 -9.08 -21.38
N PHE C 121 11.48 -9.03 -20.97
CA PHE C 121 10.70 -10.20 -20.57
C PHE C 121 10.81 -11.39 -21.53
N LEU C 122 10.73 -11.14 -22.85
CA LEU C 122 10.82 -12.22 -23.83
C LEU C 122 12.20 -12.88 -23.91
N GLU C 123 13.25 -12.22 -23.42
CA GLU C 123 14.60 -12.80 -23.40
C GLU C 123 14.87 -13.58 -22.10
N ILE C 124 13.83 -13.91 -21.31
CA ILE C 124 13.97 -14.65 -20.06
C ILE C 124 13.44 -16.05 -20.28
N ASN C 125 14.34 -17.01 -20.47
CA ASN C 125 13.96 -18.41 -20.66
C ASN C 125 13.52 -19.05 -19.33
N GLU C 126 12.93 -20.26 -19.39
CA GLU C 126 12.46 -20.99 -18.22
C GLU C 126 13.56 -21.16 -17.15
N GLU C 127 14.79 -21.47 -17.57
CA GLU C 127 15.91 -21.66 -16.63
C GLU C 127 16.18 -20.40 -15.83
N LEU C 128 16.27 -19.24 -16.50
CA LEU C 128 16.54 -17.97 -15.84
C LEU C 128 15.37 -17.52 -14.97
N TRP C 129 14.12 -17.77 -15.40
CA TRP C 129 12.93 -17.48 -14.60
C TRP C 129 12.99 -18.29 -13.28
N GLN C 130 13.26 -19.59 -13.37
CA GLN C 130 13.36 -20.48 -12.22
C GLN C 130 14.48 -20.06 -11.28
N ARG C 131 15.62 -19.60 -11.81
CA ARG C 131 16.74 -19.18 -10.98
C ARG C 131 16.34 -17.97 -10.10
N HIS C 132 15.60 -17.00 -10.68
CA HIS C 132 15.11 -15.84 -9.93
C HIS C 132 14.16 -16.29 -8.83
N ILE C 133 13.24 -17.22 -9.12
CA ILE C 133 12.27 -17.70 -8.13
C ILE C 133 12.96 -18.51 -7.01
N GLU C 134 13.87 -19.41 -7.37
CA GLU C 134 14.53 -20.26 -6.37
C GLU C 134 15.48 -19.50 -5.44
N VAL C 135 16.28 -18.58 -5.98
CA VAL C 135 17.25 -17.84 -5.16
C VAL C 135 16.56 -16.77 -4.28
N ASN C 136 15.67 -15.96 -4.87
CA ASN C 136 15.02 -14.87 -4.15
C ASN C 136 13.83 -15.25 -3.29
N LEU C 137 13.16 -16.38 -3.56
CA LEU C 137 11.98 -16.77 -2.78
C LEU C 137 12.09 -18.19 -2.20
N GLY C 138 12.38 -19.19 -3.04
CA GLY C 138 12.45 -20.57 -2.63
C GLY C 138 13.45 -20.87 -1.53
N ALA C 139 14.62 -20.20 -1.56
CA ALA C 139 15.65 -20.40 -0.55
C ALA C 139 15.18 -19.95 0.81
N ALA C 140 14.43 -18.82 0.88
CA ALA C 140 13.91 -18.33 2.15
C ALA C 140 12.87 -19.30 2.70
N TYR C 141 11.99 -19.83 1.84
CA TYR C 141 10.99 -20.82 2.23
C TYR C 141 11.68 -22.05 2.88
N ARG C 142 12.69 -22.62 2.22
CA ARG C 142 13.35 -23.83 2.71
C ARG C 142 14.12 -23.59 4.01
N LEU C 143 14.80 -22.44 4.12
CA LEU C 143 15.53 -22.13 5.35
C LEU C 143 14.58 -21.89 6.51
N ILE C 144 13.43 -21.24 6.28
CA ILE C 144 12.43 -21.02 7.33
C ILE C 144 11.88 -22.40 7.75
N ARG C 145 11.55 -23.26 6.77
CA ARG C 145 11.06 -24.62 7.04
C ARG C 145 12.04 -25.43 7.92
N LEU C 146 13.35 -25.29 7.70
CA LEU C 146 14.35 -25.99 8.50
C LEU C 146 14.57 -25.40 9.90
N LEU C 147 14.50 -24.06 10.06
CA LEU C 147 14.81 -23.41 11.34
C LEU C 147 13.61 -23.03 12.21
N LEU C 148 12.39 -23.05 11.67
CA LEU C 148 11.20 -22.70 12.44
C LEU C 148 10.88 -23.68 13.59
N PRO C 149 11.05 -25.02 13.47
CA PRO C 149 10.78 -25.88 14.64
C PRO C 149 11.61 -25.51 15.87
N GLY C 150 12.87 -25.15 15.66
CA GLY C 150 13.74 -24.69 16.74
C GLY C 150 13.25 -23.42 17.39
N MET C 151 12.74 -22.47 16.59
CA MET C 151 12.20 -21.20 17.10
C MET C 151 10.91 -21.45 17.89
N LEU C 152 10.05 -22.34 17.41
CA LEU C 152 8.81 -22.65 18.12
C LEU C 152 9.12 -23.33 19.45
N GLU C 153 10.11 -24.24 19.47
CA GLU C 153 10.55 -24.94 20.68
C GLU C 153 11.06 -23.94 21.73
N MET C 154 11.84 -22.94 21.29
CA MET C 154 12.37 -21.90 22.20
C MET C 154 11.31 -20.90 22.64
N GLY C 155 10.21 -20.77 21.89
CA GLY C 155 9.17 -19.79 22.17
C GLY C 155 9.49 -18.36 21.77
N TRP C 156 10.60 -18.16 21.03
CA TRP C 156 11.03 -16.82 20.59
C TRP C 156 11.78 -16.95 19.28
N GLY C 157 11.63 -15.97 18.42
CA GLY C 157 12.34 -15.97 17.15
C GLY C 157 12.13 -14.72 16.36
N ARG C 158 13.00 -14.54 15.36
CA ARG C 158 12.93 -13.41 14.44
C ARG C 158 13.29 -13.93 13.07
N ILE C 159 12.38 -13.77 12.10
CA ILE C 159 12.62 -14.12 10.71
C ILE C 159 12.60 -12.77 9.98
N ILE C 160 13.72 -12.41 9.36
CA ILE C 160 13.89 -11.12 8.67
C ILE C 160 14.27 -11.43 7.23
N ASN C 161 13.37 -11.13 6.30
CA ASN C 161 13.58 -11.38 4.89
C ASN C 161 14.07 -10.13 4.18
N ILE C 162 15.27 -10.18 3.58
CA ILE C 162 15.78 -9.02 2.85
C ILE C 162 15.20 -9.15 1.48
N SER C 163 14.21 -8.32 1.18
CA SER C 163 13.55 -8.32 -0.10
C SER C 163 14.18 -7.18 -0.93
N SER C 164 13.43 -6.13 -1.32
CA SER C 164 13.91 -5.06 -2.16
C SER C 164 12.76 -4.08 -2.43
N THR C 165 13.05 -2.91 -3.01
CA THR C 165 11.99 -2.02 -3.50
C THR C 165 11.22 -2.76 -4.64
N ALA C 166 11.89 -3.73 -5.35
CA ALA C 166 11.27 -4.58 -6.36
C ALA C 166 10.21 -5.55 -5.78
N GLY C 167 10.15 -5.70 -4.46
CA GLY C 167 9.11 -6.45 -3.76
C GLY C 167 7.87 -5.60 -3.45
N LEU C 168 7.98 -4.27 -3.60
CA LEU C 168 6.93 -3.30 -3.31
C LEU C 168 6.43 -2.54 -4.52
N THR C 169 7.24 -2.44 -5.57
CA THR C 169 6.88 -1.78 -6.80
C THR C 169 7.54 -2.51 -7.98
N GLY C 170 7.10 -2.20 -9.18
CA GLY C 170 7.63 -2.80 -10.39
C GLY C 170 8.80 -2.01 -10.94
N TYR C 171 9.60 -2.67 -11.76
CA TYR C 171 10.70 -2.04 -12.49
C TYR C 171 10.71 -2.66 -13.87
N PRO C 172 10.81 -1.89 -14.98
CA PRO C 172 10.92 -2.53 -16.29
C PRO C 172 12.22 -3.34 -16.38
N TYR C 173 12.21 -4.40 -17.19
CA TYR C 173 13.38 -5.27 -17.39
C TYR C 173 13.79 -6.06 -16.14
N ALA C 174 12.94 -6.13 -15.11
CA ALA C 174 13.22 -6.89 -13.89
C ALA C 174 11.96 -7.64 -13.47
N VAL C 175 11.21 -8.21 -14.43
CA VAL C 175 9.94 -8.89 -14.16
C VAL C 175 10.13 -10.12 -13.23
N PRO C 176 11.05 -11.06 -13.53
CA PRO C 176 11.25 -12.19 -12.60
C PRO C 176 11.73 -11.79 -11.21
N TYR C 177 12.60 -10.77 -11.12
CA TYR C 177 13.08 -10.27 -9.85
C TYR C 177 11.94 -9.66 -9.04
N CYS C 178 11.08 -8.84 -9.67
CA CYS C 178 9.92 -8.25 -9.01
C CYS C 178 8.92 -9.31 -8.54
N ALA C 179 8.63 -10.31 -9.39
CA ALA C 179 7.71 -11.39 -9.05
C ALA C 179 8.23 -12.18 -7.83
N ALA C 180 9.52 -12.54 -7.81
CA ALA C 180 10.08 -13.30 -6.70
C ALA C 180 10.16 -12.47 -5.42
N LYS C 181 10.57 -11.19 -5.53
CA LYS C 181 10.67 -10.33 -4.35
C LYS C 181 9.29 -9.98 -3.77
N HIS C 182 8.26 -9.81 -4.63
CA HIS C 182 6.89 -9.59 -4.16
C HIS C 182 6.40 -10.84 -3.44
N GLY C 183 6.69 -12.02 -3.99
CA GLY C 183 6.37 -13.28 -3.35
C GLY C 183 6.98 -13.44 -1.97
N LEU C 184 8.18 -12.88 -1.75
CA LEU C 184 8.81 -12.92 -0.44
C LEU C 184 8.04 -12.01 0.57
N ILE C 185 7.42 -10.90 0.11
CA ILE C 185 6.56 -10.05 0.96
C ILE C 185 5.28 -10.86 1.32
N GLY C 186 4.71 -11.59 0.37
CA GLY C 186 3.55 -12.43 0.63
C GLY C 186 3.81 -13.53 1.62
N LEU C 187 4.99 -14.15 1.52
CA LEU C 187 5.43 -15.17 2.48
C LEU C 187 5.55 -14.50 3.86
N THR C 188 6.24 -13.35 3.91
CA THR C 188 6.41 -12.56 5.14
C THR C 188 5.08 -12.27 5.85
N ARG C 189 4.09 -11.73 5.10
CA ARG C 189 2.79 -11.35 5.65
C ARG C 189 1.96 -12.50 6.21
N ALA C 190 1.83 -13.57 5.44
CA ALA C 190 1.03 -14.72 5.82
C ALA C 190 1.66 -15.43 7.02
N LEU C 191 2.99 -15.63 7.00
CA LEU C 191 3.69 -16.28 8.10
C LEU C 191 3.67 -15.43 9.38
N ALA C 192 3.71 -14.08 9.25
CA ALA C 192 3.60 -13.20 10.41
C ALA C 192 2.29 -13.41 11.15
N LEU C 193 1.17 -13.61 10.42
CA LEU C 193 -0.11 -13.85 11.04
C LEU C 193 -0.19 -15.26 11.64
N GLU C 194 0.37 -16.26 10.93
CA GLU C 194 0.38 -17.64 11.42
C GLU C 194 1.20 -17.78 12.71
N LEU C 195 2.32 -17.07 12.84
CA LEU C 195 3.16 -17.17 14.05
C LEU C 195 2.95 -16.01 15.03
N ALA C 196 1.89 -15.20 14.86
CA ALA C 196 1.68 -14.00 15.69
C ALA C 196 1.65 -14.28 17.20
N GLN C 197 1.01 -15.38 17.62
CA GLN C 197 0.94 -15.73 19.04
C GLN C 197 1.93 -16.84 19.40
N ARG C 198 3.04 -16.98 18.66
CA ARG C 198 4.05 -18.02 18.93
C ARG C 198 5.42 -17.46 19.33
N GLY C 199 5.50 -16.18 19.71
CA GLY C 199 6.75 -15.54 20.11
C GLY C 199 7.69 -15.17 18.99
N ILE C 200 7.27 -15.35 17.71
CA ILE C 200 8.13 -15.06 16.56
C ILE C 200 7.50 -13.94 15.70
N THR C 201 8.35 -13.01 15.23
CA THR C 201 7.93 -11.95 14.30
C THR C 201 8.55 -12.26 12.95
N VAL C 202 7.83 -11.93 11.86
CA VAL C 202 8.30 -12.13 10.50
C VAL C 202 8.17 -10.78 9.81
N ASN C 203 9.27 -10.21 9.33
CA ASN C 203 9.30 -8.91 8.68
C ASN C 203 10.22 -8.90 7.46
N ALA C 204 10.01 -7.95 6.55
CA ALA C 204 10.84 -7.79 5.36
C ALA C 204 11.46 -6.41 5.31
N ILE C 205 12.73 -6.33 4.93
CA ILE C 205 13.43 -5.07 4.74
C ILE C 205 13.67 -4.95 3.25
N CYS C 206 13.28 -3.81 2.67
CA CYS C 206 13.25 -3.57 1.25
C CYS C 206 14.18 -2.45 0.82
N PRO C 207 15.49 -2.74 0.65
CA PRO C 207 16.40 -1.67 0.22
C PRO C 207 16.26 -1.29 -1.23
N GLY C 208 16.56 -0.04 -1.52
CA GLY C 208 16.68 0.44 -2.90
C GLY C 208 18.08 0.12 -3.41
N PHE C 209 18.56 0.86 -4.41
CA PHE C 209 19.92 0.64 -4.95
C PHE C 209 20.95 0.95 -3.87
N THR C 210 21.75 -0.05 -3.48
CA THR C 210 22.72 0.06 -2.37
C THR C 210 24.13 0.05 -2.91
N ASP C 211 25.02 0.85 -2.31
CA ASP C 211 26.42 0.95 -2.74
C ASP C 211 27.22 -0.31 -2.35
N THR C 212 27.21 -1.33 -3.26
CA THR C 212 27.90 -2.61 -3.08
C THR C 212 28.64 -3.05 -4.38
N ASP C 213 29.55 -4.03 -4.27
CA ASP C 213 30.24 -4.62 -5.43
C ASP C 213 29.21 -5.30 -6.37
N LEU C 214 28.14 -5.89 -5.80
CA LEU C 214 27.08 -6.54 -6.58
C LEU C 214 26.35 -5.49 -7.43
N LEU C 215 26.10 -4.28 -6.88
CA LEU C 215 25.46 -3.20 -7.63
C LEU C 215 26.34 -2.78 -8.80
N GLN C 216 27.67 -2.66 -8.62
CA GLN C 216 28.58 -2.28 -9.70
C GLN C 216 28.50 -3.25 -10.88
N ALA C 217 28.25 -4.56 -10.62
CA ALA C 217 28.11 -5.55 -11.68
C ALA C 217 26.81 -5.32 -12.47
N SER C 218 25.71 -4.99 -11.77
CA SER C 218 24.42 -4.69 -12.39
C SER C 218 24.50 -3.40 -13.23
N VAL C 219 25.28 -2.40 -12.77
CA VAL C 219 25.46 -1.13 -13.47
C VAL C 219 26.18 -1.41 -14.80
N LEU C 220 27.29 -2.17 -14.75
CA LEU C 220 28.08 -2.52 -15.93
C LEU C 220 27.26 -3.33 -16.94
N ARG C 221 26.40 -4.22 -16.43
CA ARG C 221 25.52 -5.05 -17.27
C ARG C 221 24.50 -4.19 -18.06
N VAL C 222 23.76 -3.28 -17.38
CA VAL C 222 22.76 -2.42 -18.03
C VAL C 222 23.45 -1.41 -18.97
N ALA C 223 24.65 -0.93 -18.61
CA ALA C 223 25.41 0.00 -19.45
C ALA C 223 25.80 -0.68 -20.76
N GLN C 224 26.26 -1.94 -20.71
CA GLN C 224 26.63 -2.71 -21.89
C GLN C 224 25.44 -3.11 -22.75
N ARG C 225 24.21 -3.09 -22.20
CA ARG C 225 22.98 -3.47 -22.90
C ARG C 225 22.20 -2.26 -23.44
N THR C 226 22.41 -1.04 -22.91
CA THR C 226 21.71 0.17 -23.37
C THR C 226 22.63 1.17 -24.08
N ALA C 227 23.87 0.74 -24.48
CA ALA C 227 24.87 1.59 -25.16
C ALA C 227 25.14 2.91 -24.40
N ARG C 228 25.29 2.83 -23.06
CA ARG C 228 25.55 3.99 -22.20
C ARG C 228 26.80 3.74 -21.35
N ALA C 229 27.41 4.82 -20.85
CA ALA C 229 28.60 4.72 -20.00
C ALA C 229 28.17 4.22 -18.61
N PRO C 230 28.98 3.42 -17.87
CA PRO C 230 28.55 3.00 -16.52
C PRO C 230 28.29 4.15 -15.55
N GLU C 231 28.97 5.30 -15.74
CA GLU C 231 28.79 6.46 -14.89
C GLU C 231 27.38 7.04 -15.05
N ALA C 232 26.85 7.08 -16.29
CA ALA C 232 25.49 7.55 -16.58
C ALA C 232 24.45 6.64 -15.93
N VAL C 233 24.69 5.31 -15.94
CA VAL C 233 23.79 4.32 -15.36
C VAL C 233 23.77 4.46 -13.84
N LEU C 234 24.94 4.68 -13.23
CA LEU C 234 25.03 4.88 -11.77
C LEU C 234 24.22 6.13 -11.33
N GLU C 235 24.31 7.21 -12.14
CA GLU C 235 23.59 8.46 -11.88
C GLU C 235 22.09 8.26 -12.05
N LEU C 236 21.67 7.46 -13.05
CA LEU C 236 20.26 7.17 -13.31
C LEU C 236 19.63 6.40 -12.14
N PHE C 237 20.37 5.44 -11.56
CA PHE C 237 19.89 4.68 -10.43
C PHE C 237 19.84 5.57 -9.19
N ALA C 238 20.86 6.41 -8.95
CA ALA C 238 20.85 7.34 -7.81
C ALA C 238 19.74 8.41 -7.96
N ARG C 239 19.32 8.74 -9.21
CA ARG C 239 18.23 9.70 -9.46
C ARG C 239 16.86 9.17 -9.00
N ARG C 240 16.65 7.84 -8.93
CA ARG C 240 15.40 7.27 -8.40
C ARG C 240 15.27 7.55 -6.89
N ASN C 241 16.41 7.65 -6.18
CA ASN C 241 16.41 7.94 -4.76
C ASN C 241 16.22 9.45 -4.58
N PRO C 242 15.13 9.93 -3.93
CA PRO C 242 14.97 11.39 -3.74
C PRO C 242 16.14 12.08 -3.04
N GLN C 243 16.89 11.34 -2.20
CA GLN C 243 18.04 11.90 -1.47
C GLN C 243 19.28 12.17 -2.36
N GLY C 244 19.26 11.70 -3.62
CA GLY C 244 20.31 11.94 -4.60
C GLY C 244 21.60 11.18 -4.35
N ARG C 245 21.50 10.03 -3.70
CA ARG C 245 22.66 9.20 -3.38
C ARG C 245 22.22 7.73 -3.29
N LEU C 246 23.19 6.81 -3.29
CA LEU C 246 22.88 5.39 -3.11
C LEU C 246 22.70 5.10 -1.62
N VAL C 247 21.95 4.04 -1.31
CA VAL C 247 21.75 3.61 0.07
C VAL C 247 23.08 2.98 0.54
N ARG C 248 23.49 3.20 1.80
CA ARG C 248 24.69 2.60 2.35
C ARG C 248 24.35 1.21 2.93
N PRO C 249 25.19 0.16 2.80
CA PRO C 249 24.88 -1.13 3.44
C PRO C 249 24.59 -1.06 4.95
N GLU C 250 25.26 -0.13 5.67
CA GLU C 250 25.05 0.08 7.11
C GLU C 250 23.62 0.48 7.42
N GLU C 251 22.99 1.25 6.53
CA GLU C 251 21.61 1.71 6.70
C GLU C 251 20.62 0.54 6.62
N VAL C 252 20.90 -0.45 5.77
CA VAL C 252 20.05 -1.64 5.67
C VAL C 252 20.22 -2.47 6.96
N ALA C 253 21.49 -2.65 7.39
CA ALA C 253 21.85 -3.37 8.61
C ALA C 253 21.20 -2.78 9.87
N TRP C 254 21.12 -1.44 9.92
CA TRP C 254 20.52 -0.73 11.05
C TRP C 254 19.05 -1.11 11.23
N ALA C 255 18.31 -1.24 10.13
CA ALA C 255 16.91 -1.67 10.16
C ALA C 255 16.75 -3.15 10.60
N VAL C 256 17.73 -4.00 10.28
CA VAL C 256 17.71 -5.42 10.67
C VAL C 256 17.89 -5.58 12.18
N VAL C 257 18.95 -4.98 12.76
CA VAL C 257 19.26 -5.13 14.18
C VAL C 257 18.15 -4.55 15.08
N TRP C 258 17.52 -3.46 14.63
CA TRP C 258 16.38 -2.82 15.32
C TRP C 258 15.26 -3.84 15.57
N LEU C 259 14.95 -4.68 14.56
CA LEU C 259 13.90 -5.68 14.66
C LEU C 259 14.19 -6.81 15.63
N CYS C 260 15.48 -7.13 15.85
CA CYS C 260 15.86 -8.24 16.73
C CYS C 260 15.61 -7.98 18.22
N SER C 261 15.39 -6.73 18.63
CA SER C 261 15.13 -6.41 20.04
C SER C 261 13.78 -6.93 20.50
N GLU C 262 13.64 -7.18 21.81
CA GLU C 262 12.35 -7.56 22.39
C GLU C 262 11.36 -6.36 22.33
N LYS C 263 11.86 -5.10 22.31
CA LYS C 263 10.98 -3.93 22.17
C LYS C 263 10.40 -3.79 20.74
N ALA C 264 10.89 -4.57 19.76
CA ALA C 264 10.33 -4.60 18.42
C ALA C 264 9.37 -5.80 18.23
N ALA C 265 8.81 -6.37 19.32
CA ALA C 265 7.90 -7.50 19.21
C ALA C 265 6.61 -7.10 18.49
N ALA C 266 6.14 -5.85 18.66
CA ALA C 266 4.93 -5.39 17.96
C ALA C 266 5.16 -5.13 16.47
N ILE C 267 6.40 -5.16 15.98
CA ILE C 267 6.68 -4.96 14.54
C ILE C 267 6.59 -6.35 13.92
N ASN C 268 5.49 -6.62 13.19
CA ASN C 268 5.24 -7.94 12.64
C ASN C 268 4.45 -7.80 11.36
N GLY C 269 4.87 -8.54 10.34
CA GLY C 269 4.26 -8.51 9.02
C GLY C 269 4.54 -7.24 8.25
N GLN C 270 5.61 -6.51 8.59
CA GLN C 270 5.92 -5.24 7.94
C GLN C 270 6.99 -5.32 6.88
N ALA C 271 6.92 -4.41 5.91
CA ALA C 271 7.91 -4.24 4.87
C ALA C 271 8.49 -2.85 5.08
N ILE C 272 9.76 -2.77 5.52
CA ILE C 272 10.44 -1.52 5.82
C ILE C 272 11.28 -1.11 4.60
N ALA C 273 10.91 -0.05 3.89
CA ALA C 273 11.69 0.43 2.74
C ALA C 273 12.88 1.28 3.18
N VAL C 274 14.08 0.96 2.66
CA VAL C 274 15.32 1.68 2.95
C VAL C 274 15.78 2.20 1.59
N ALA C 275 15.12 3.27 1.12
CA ALA C 275 15.37 3.81 -0.21
C ALA C 275 15.21 5.34 -0.33
N GLY C 276 15.41 6.08 0.75
CA GLY C 276 15.34 7.55 0.74
C GLY C 276 14.04 8.22 0.38
N GLY C 277 12.97 7.44 0.20
CA GLY C 277 11.67 7.97 -0.18
C GLY C 277 11.19 7.53 -1.56
N GLU C 278 11.97 6.65 -2.25
CA GLU C 278 11.62 6.16 -3.60
C GLU C 278 10.28 5.45 -3.54
N VAL C 279 10.12 4.56 -2.53
CA VAL C 279 8.89 3.85 -2.23
C VAL C 279 8.47 4.34 -0.86
N MET C 280 7.21 4.78 -0.70
CA MET C 280 6.70 5.26 0.59
C MET C 280 5.57 4.33 1.03
N VAL C 281 5.89 3.39 1.92
CA VAL C 281 4.95 2.34 2.35
C VAL C 281 3.78 2.84 3.19
N GLY C 282 2.68 2.12 3.10
CA GLY C 282 1.48 2.43 3.89
C GLY C 282 0.44 1.30 3.82
N MET D 22 -19.82 -3.29 -23.25
CA MET D 22 -19.71 -1.98 -23.89
C MET D 22 -20.23 -2.06 -25.33
N ASP D 23 -21.09 -1.11 -25.72
CA ASP D 23 -21.66 -1.09 -27.07
C ASP D 23 -20.84 -0.24 -28.10
N PRO D 24 -20.45 1.05 -27.85
CA PRO D 24 -19.74 1.80 -28.91
C PRO D 24 -18.36 1.29 -29.27
N LYS D 25 -17.56 0.88 -28.26
CA LYS D 25 -16.23 0.32 -28.47
C LYS D 25 -16.25 -1.12 -27.97
N SER D 26 -17.05 -1.98 -28.65
CA SER D 26 -17.16 -3.40 -28.33
C SER D 26 -15.87 -4.19 -28.69
N LEU D 27 -15.75 -5.45 -28.23
CA LEU D 27 -14.56 -6.27 -28.46
C LEU D 27 -14.68 -7.17 -29.70
N VAL D 28 -15.44 -6.75 -30.72
CA VAL D 28 -15.62 -7.55 -31.94
C VAL D 28 -14.29 -7.60 -32.69
N GLY D 29 -13.86 -8.80 -33.07
CA GLY D 29 -12.61 -9.00 -33.80
C GLY D 29 -11.39 -9.06 -32.90
N LYS D 30 -11.57 -9.34 -31.59
CA LYS D 30 -10.49 -9.44 -30.63
C LYS D 30 -10.47 -10.86 -30.09
N HIS D 31 -9.37 -11.58 -30.27
CA HIS D 31 -9.24 -12.95 -29.78
C HIS D 31 -8.83 -12.89 -28.30
N ALA D 32 -9.67 -13.45 -27.42
CA ALA D 32 -9.43 -13.50 -25.99
C ALA D 32 -9.24 -14.95 -25.54
N LEU D 33 -8.19 -15.22 -24.77
CA LEU D 33 -7.90 -16.55 -24.22
C LEU D 33 -8.08 -16.49 -22.69
N VAL D 34 -8.93 -17.37 -22.14
CA VAL D 34 -9.24 -17.42 -20.72
C VAL D 34 -8.93 -18.81 -20.15
N THR D 35 -8.13 -18.87 -19.07
CA THR D 35 -7.81 -20.13 -18.40
C THR D 35 -8.75 -20.30 -17.20
N GLY D 36 -8.97 -21.55 -16.79
CA GLY D 36 -9.90 -21.88 -15.71
C GLY D 36 -11.31 -21.45 -16.08
N ALA D 37 -11.69 -21.66 -17.34
CA ALA D 37 -12.92 -21.15 -17.95
C ALA D 37 -14.16 -22.04 -17.88
N SER D 38 -14.04 -23.32 -17.49
CA SER D 38 -15.21 -24.21 -17.48
C SER D 38 -16.24 -23.88 -16.38
N ARG D 39 -15.80 -23.35 -15.21
CA ARG D 39 -16.69 -23.07 -14.08
C ARG D 39 -16.22 -21.84 -13.25
N GLY D 40 -17.10 -21.35 -12.38
CA GLY D 40 -16.84 -20.27 -11.43
C GLY D 40 -16.53 -18.92 -12.03
N ILE D 41 -15.43 -18.32 -11.57
CA ILE D 41 -14.98 -17.00 -12.00
C ILE D 41 -14.66 -17.02 -13.52
N GLY D 42 -13.93 -18.03 -13.95
CA GLY D 42 -13.56 -18.19 -15.36
C GLY D 42 -14.74 -18.27 -16.30
N ALA D 43 -15.81 -18.98 -15.90
CA ALA D 43 -17.03 -19.11 -16.68
C ALA D 43 -17.74 -17.75 -16.81
N ALA D 44 -17.83 -16.98 -15.71
CA ALA D 44 -18.43 -15.65 -15.71
C ALA D 44 -17.62 -14.66 -16.58
N ILE D 45 -16.29 -14.78 -16.55
CA ILE D 45 -15.41 -13.93 -17.37
C ILE D 45 -15.66 -14.24 -18.85
N ALA D 46 -15.68 -15.53 -19.20
CA ALA D 46 -15.94 -15.96 -20.57
C ALA D 46 -17.30 -15.47 -21.06
N GLU D 47 -18.33 -15.57 -20.21
CA GLU D 47 -19.67 -15.09 -20.54
C GLU D 47 -19.70 -13.58 -20.82
N ALA D 48 -19.00 -12.78 -19.99
CA ALA D 48 -18.97 -11.33 -20.16
C ALA D 48 -18.22 -10.94 -21.43
N LEU D 49 -17.10 -11.63 -21.72
CA LEU D 49 -16.31 -11.37 -22.93
C LEU D 49 -17.06 -11.81 -24.18
N ALA D 50 -17.85 -12.90 -24.10
CA ALA D 50 -18.65 -13.38 -25.22
C ALA D 50 -19.77 -12.40 -25.55
N GLN D 51 -20.45 -11.86 -24.53
CA GLN D 51 -21.50 -10.87 -24.77
C GLN D 51 -20.94 -9.56 -25.34
N ALA D 52 -19.65 -9.25 -25.09
CA ALA D 52 -18.96 -8.09 -25.63
C ALA D 52 -18.49 -8.30 -27.10
N GLY D 53 -18.56 -9.52 -27.62
CA GLY D 53 -18.22 -9.83 -29.00
C GLY D 53 -16.82 -10.36 -29.27
N ALA D 54 -16.06 -10.73 -28.23
CA ALA D 54 -14.71 -11.25 -28.42
C ALA D 54 -14.73 -12.72 -28.87
N ARG D 55 -13.80 -13.13 -29.75
CA ARG D 55 -13.68 -14.53 -30.17
C ARG D 55 -12.94 -15.23 -29.03
N LEU D 56 -13.48 -16.32 -28.46
CA LEU D 56 -12.89 -16.94 -27.28
C LEU D 56 -12.22 -18.29 -27.43
N THR D 57 -11.09 -18.46 -26.72
CA THR D 57 -10.40 -19.73 -26.55
C THR D 57 -10.51 -19.99 -25.06
N LEU D 58 -11.22 -21.05 -24.67
CA LEU D 58 -11.45 -21.38 -23.27
C LEU D 58 -10.61 -22.59 -22.92
N VAL D 59 -9.76 -22.45 -21.89
CA VAL D 59 -8.87 -23.52 -21.46
C VAL D 59 -9.31 -24.02 -20.08
N ALA D 60 -9.37 -25.35 -19.91
CA ALA D 60 -9.77 -26.00 -18.66
C ALA D 60 -9.12 -27.40 -18.56
N ARG D 61 -9.03 -27.95 -17.34
CA ARG D 61 -8.42 -29.26 -17.14
C ARG D 61 -9.32 -30.41 -17.63
N LYS D 62 -10.66 -30.30 -17.42
CA LYS D 62 -11.60 -31.37 -17.81
C LYS D 62 -12.40 -31.04 -19.06
N LEU D 63 -12.74 -32.07 -19.83
CA LEU D 63 -13.53 -31.95 -21.04
C LEU D 63 -15.02 -31.71 -20.71
N GLN D 64 -15.52 -32.30 -19.60
CA GLN D 64 -16.94 -32.27 -19.23
C GLN D 64 -17.62 -30.87 -19.31
N ASP D 65 -17.45 -29.95 -18.33
CA ASP D 65 -18.12 -28.66 -18.32
C ASP D 65 -17.58 -27.66 -19.34
N LEU D 66 -16.40 -27.92 -19.95
CA LEU D 66 -15.82 -27.03 -20.93
C LEU D 66 -16.65 -27.04 -22.22
N GLU D 67 -16.96 -28.23 -22.78
CA GLU D 67 -17.74 -28.30 -24.01
C GLU D 67 -19.16 -27.77 -23.82
N GLU D 68 -19.77 -27.95 -22.63
CA GLU D 68 -21.11 -27.42 -22.36
C GLU D 68 -21.06 -25.88 -22.36
N ARG D 69 -20.01 -25.29 -21.76
CA ARG D 69 -19.84 -23.84 -21.71
C ARG D 69 -19.63 -23.29 -23.13
N VAL D 70 -18.85 -23.99 -23.95
CA VAL D 70 -18.57 -23.59 -25.34
C VAL D 70 -19.88 -23.57 -26.15
N GLU D 71 -20.68 -24.64 -26.06
CA GLU D 71 -21.96 -24.73 -26.77
C GLU D 71 -22.93 -23.60 -26.37
N ARG D 72 -23.00 -23.30 -25.06
CA ARG D 72 -23.85 -22.24 -24.53
C ARG D 72 -23.39 -20.85 -25.03
N LEU D 73 -22.08 -20.58 -24.98
CA LEU D 73 -21.54 -19.30 -25.39
C LEU D 73 -21.45 -19.08 -26.91
N ARG D 74 -21.67 -20.12 -27.74
CA ARG D 74 -21.69 -19.93 -29.20
C ARG D 74 -22.90 -19.11 -29.68
N ALA D 75 -23.92 -18.90 -28.83
CA ALA D 75 -25.06 -18.06 -29.16
C ALA D 75 -24.65 -16.57 -29.26
N TRP D 76 -23.57 -16.16 -28.57
CA TRP D 76 -23.10 -14.77 -28.58
C TRP D 76 -21.89 -14.52 -29.49
N THR D 77 -20.96 -15.50 -29.62
CA THR D 77 -19.73 -15.29 -30.39
C THR D 77 -19.11 -16.63 -30.89
N GLU D 78 -17.99 -16.57 -31.68
CA GLU D 78 -17.25 -17.75 -32.12
C GLU D 78 -16.43 -18.22 -30.91
N VAL D 79 -16.72 -19.43 -30.40
CA VAL D 79 -16.04 -19.98 -29.23
C VAL D 79 -15.28 -21.27 -29.60
N GLN D 80 -14.21 -21.55 -28.86
CA GLN D 80 -13.34 -22.70 -29.05
C GLN D 80 -12.92 -23.22 -27.66
N GLY D 81 -12.90 -24.52 -27.49
CA GLY D 81 -12.50 -25.15 -26.24
C GLY D 81 -11.24 -25.96 -26.40
N GLU D 82 -10.33 -25.87 -25.43
CA GLU D 82 -9.07 -26.60 -25.46
C GLU D 82 -8.78 -27.12 -24.06
N VAL D 83 -8.46 -28.41 -23.95
CA VAL D 83 -8.17 -29.05 -22.66
C VAL D 83 -6.65 -29.12 -22.48
N GLY D 84 -6.18 -28.82 -21.27
CA GLY D 84 -4.76 -28.87 -20.97
C GLY D 84 -4.44 -28.45 -19.56
N ASP D 85 -3.29 -28.90 -19.05
CA ASP D 85 -2.79 -28.54 -17.74
C ASP D 85 -1.86 -27.33 -17.94
N VAL D 86 -2.21 -26.19 -17.35
CA VAL D 86 -1.41 -24.95 -17.47
C VAL D 86 -0.02 -25.07 -16.81
N ALA D 87 0.17 -26.03 -15.90
CA ALA D 87 1.47 -26.28 -15.27
C ALA D 87 2.46 -26.91 -16.26
N ASP D 88 1.97 -27.75 -17.20
CA ASP D 88 2.80 -28.41 -18.19
C ASP D 88 3.19 -27.41 -19.31
N PRO D 89 4.48 -27.00 -19.46
CA PRO D 89 4.82 -26.05 -20.53
C PRO D 89 4.63 -26.56 -21.96
N GLN D 90 4.97 -27.83 -22.21
CA GLN D 90 4.88 -28.41 -23.54
C GLN D 90 3.42 -28.48 -24.00
N ALA D 91 2.51 -28.86 -23.10
CA ALA D 91 1.09 -28.92 -23.41
C ALA D 91 0.54 -27.54 -23.76
N MET D 92 0.95 -26.49 -23.02
CA MET D 92 0.49 -25.13 -23.28
C MET D 92 1.09 -24.55 -24.56
N GLU D 93 2.37 -24.86 -24.85
CA GLU D 93 3.02 -24.40 -26.08
C GLU D 93 2.26 -24.92 -27.32
N SER D 94 1.83 -26.20 -27.30
CA SER D 94 1.06 -26.80 -28.39
C SER D 94 -0.37 -26.25 -28.45
N LEU D 95 -1.04 -26.12 -27.29
CA LEU D 95 -2.40 -25.58 -27.18
C LEU D 95 -2.49 -24.17 -27.76
N VAL D 96 -1.52 -23.31 -27.41
CA VAL D 96 -1.47 -21.92 -27.88
C VAL D 96 -1.34 -21.91 -29.42
N HIS D 97 -0.46 -22.75 -29.96
CA HIS D 97 -0.27 -22.84 -31.40
C HIS D 97 -1.56 -23.22 -32.12
N ARG D 98 -2.32 -24.19 -31.58
CA ARG D 98 -3.58 -24.63 -32.19
C ARG D 98 -4.64 -23.54 -32.14
N ALA D 99 -4.74 -22.82 -31.00
CA ALA D 99 -5.72 -21.75 -30.83
C ALA D 99 -5.43 -20.55 -31.73
N GLN D 100 -4.14 -20.14 -31.84
CA GLN D 100 -3.77 -19.03 -32.72
C GLN D 100 -3.89 -19.41 -34.21
N GLU D 101 -3.79 -20.70 -34.55
CA GLU D 101 -3.98 -21.18 -35.92
C GLU D 101 -5.45 -20.96 -36.35
N ARG D 102 -6.41 -21.16 -35.44
CA ARG D 102 -7.84 -21.00 -35.73
C ARG D 102 -8.34 -19.54 -35.66
N PHE D 103 -8.04 -18.80 -34.56
CA PHE D 103 -8.53 -17.44 -34.36
C PHE D 103 -7.48 -16.34 -34.41
N GLY D 104 -6.28 -16.63 -34.92
CA GLY D 104 -5.22 -15.64 -35.03
C GLY D 104 -4.56 -15.29 -33.70
N PRO D 105 -3.69 -14.28 -33.66
CA PRO D 105 -3.01 -13.94 -32.39
C PRO D 105 -3.95 -13.48 -31.29
N VAL D 106 -3.59 -13.78 -30.03
CA VAL D 106 -4.41 -13.42 -28.87
C VAL D 106 -4.18 -11.96 -28.49
N ALA D 107 -5.26 -11.16 -28.41
CA ALA D 107 -5.22 -9.76 -28.02
C ALA D 107 -5.49 -9.58 -26.52
N ILE D 108 -6.36 -10.42 -25.93
CA ILE D 108 -6.72 -10.33 -24.50
C ILE D 108 -6.39 -11.66 -23.82
N LEU D 109 -5.53 -11.65 -22.79
CA LEU D 109 -5.19 -12.85 -22.04
C LEU D 109 -5.68 -12.68 -20.62
N VAL D 110 -6.51 -13.62 -20.13
CA VAL D 110 -6.98 -13.60 -18.75
C VAL D 110 -6.42 -14.83 -18.06
N ASN D 111 -5.40 -14.63 -17.20
CA ASN D 111 -4.80 -15.73 -16.46
C ASN D 111 -5.64 -15.99 -15.22
N ASN D 112 -6.41 -17.07 -15.21
CA ASN D 112 -7.30 -17.44 -14.11
C ASN D 112 -7.08 -18.89 -13.65
N ALA D 113 -5.84 -19.26 -13.41
CA ALA D 113 -5.49 -20.58 -12.90
C ALA D 113 -5.14 -20.41 -11.45
N GLY D 114 -5.74 -21.21 -10.57
CA GLY D 114 -5.50 -21.13 -9.14
C GLY D 114 -5.44 -22.47 -8.46
N PHE D 115 -4.77 -22.49 -7.30
CA PHE D 115 -4.60 -23.69 -6.48
C PHE D 115 -4.27 -23.27 -5.04
N VAL D 116 -5.01 -23.79 -4.07
CA VAL D 116 -4.75 -23.48 -2.68
C VAL D 116 -5.03 -24.70 -1.83
N LEU D 117 -4.08 -25.10 -1.01
CA LEU D 117 -4.28 -26.16 -0.05
C LEU D 117 -3.78 -25.59 1.25
N THR D 118 -4.72 -25.20 2.13
CA THR D 118 -4.41 -24.58 3.41
C THR D 118 -3.91 -25.61 4.39
N ALA D 119 -2.82 -25.27 5.10
CA ALA D 119 -2.15 -26.15 6.06
C ALA D 119 -1.14 -25.37 6.91
N PRO D 120 -0.70 -25.86 8.10
CA PRO D 120 0.41 -25.18 8.79
C PRO D 120 1.66 -25.20 7.93
N PHE D 121 2.43 -24.12 7.98
CA PHE D 121 3.64 -23.95 7.17
C PHE D 121 4.58 -25.17 7.17
N LEU D 122 4.82 -25.80 8.35
CA LEU D 122 5.71 -26.96 8.43
C LEU D 122 5.14 -28.21 7.77
N GLU D 123 3.84 -28.26 7.50
CA GLU D 123 3.23 -29.39 6.81
C GLU D 123 3.21 -29.19 5.28
N ILE D 124 3.99 -28.23 4.74
CA ILE D 124 4.05 -27.96 3.31
C ILE D 124 5.40 -28.47 2.79
N ASN D 125 5.40 -29.63 2.14
CA ASN D 125 6.62 -30.20 1.58
C ASN D 125 7.03 -29.47 0.27
N GLU D 126 8.24 -29.76 -0.24
CA GLU D 126 8.76 -29.16 -1.48
C GLU D 126 7.78 -29.31 -2.66
N GLU D 127 7.18 -30.48 -2.82
CA GLU D 127 6.24 -30.73 -3.92
C GLU D 127 5.03 -29.78 -3.85
N LEU D 128 4.40 -29.67 -2.67
CA LEU D 128 3.24 -28.82 -2.50
C LEU D 128 3.58 -27.34 -2.61
N TRP D 129 4.76 -26.93 -2.12
CA TRP D 129 5.23 -25.56 -2.27
C TRP D 129 5.37 -25.23 -3.77
N GLN D 130 6.03 -26.12 -4.54
CA GLN D 130 6.23 -25.95 -5.97
C GLN D 130 4.91 -25.92 -6.73
N ARG D 131 3.92 -26.72 -6.33
CA ARG D 131 2.61 -26.73 -7.00
C ARG D 131 1.91 -25.36 -6.84
N HIS D 132 1.97 -24.74 -5.64
CA HIS D 132 1.39 -23.42 -5.42
C HIS D 132 2.09 -22.38 -6.31
N ILE D 133 3.42 -22.43 -6.39
CA ILE D 133 4.18 -21.48 -7.20
C ILE D 133 3.90 -21.67 -8.69
N GLU D 134 3.91 -22.93 -9.19
CA GLU D 134 3.72 -23.20 -10.62
C GLU D 134 2.30 -22.91 -11.13
N VAL D 135 1.26 -23.28 -10.36
CA VAL D 135 -0.11 -23.04 -10.80
C VAL D 135 -0.52 -21.56 -10.69
N ASN D 136 -0.26 -20.93 -9.54
CA ASN D 136 -0.67 -19.54 -9.31
C ASN D 136 0.23 -18.46 -9.94
N LEU D 137 1.51 -18.76 -10.21
CA LEU D 137 2.42 -17.75 -10.76
C LEU D 137 3.13 -18.20 -12.05
N GLY D 138 3.74 -19.38 -12.03
CA GLY D 138 4.48 -19.90 -13.18
C GLY D 138 3.67 -20.04 -14.45
N ALA D 139 2.41 -20.48 -14.32
CA ALA D 139 1.50 -20.65 -15.46
C ALA D 139 1.23 -19.32 -16.16
N ALA D 140 1.03 -18.24 -15.38
CA ALA D 140 0.79 -16.92 -15.94
C ALA D 140 2.04 -16.43 -16.68
N TYR D 141 3.24 -16.63 -16.09
CA TYR D 141 4.52 -16.27 -16.72
C TYR D 141 4.65 -16.94 -18.11
N ARG D 142 4.45 -18.26 -18.17
CA ARG D 142 4.63 -19.01 -19.41
C ARG D 142 3.61 -18.62 -20.46
N LEU D 143 2.35 -18.42 -20.06
CA LEU D 143 1.32 -18.02 -21.03
C LEU D 143 1.57 -16.61 -21.56
N ILE D 144 2.05 -15.68 -20.71
CA ILE D 144 2.37 -14.32 -21.15
C ILE D 144 3.56 -14.41 -22.12
N ARG D 145 4.59 -15.20 -21.79
CA ARG D 145 5.76 -15.39 -22.65
C ARG D 145 5.36 -15.89 -24.03
N LEU D 146 4.40 -16.81 -24.12
CA LEU D 146 3.94 -17.34 -25.39
C LEU D 146 3.07 -16.39 -26.21
N LEU D 147 2.21 -15.59 -25.56
CA LEU D 147 1.25 -14.71 -26.26
C LEU D 147 1.64 -13.24 -26.41
N LEU D 148 2.67 -12.78 -25.68
CA LEU D 148 3.10 -11.38 -25.75
C LEU D 148 3.66 -10.99 -27.13
N PRO D 149 4.44 -11.83 -27.86
CA PRO D 149 4.91 -11.41 -29.20
C PRO D 149 3.77 -11.03 -30.15
N GLY D 150 2.68 -11.77 -30.11
CA GLY D 150 1.51 -11.46 -30.92
C GLY D 150 0.90 -10.11 -30.57
N MET D 151 0.83 -9.78 -29.27
CA MET D 151 0.29 -8.50 -28.82
C MET D 151 1.19 -7.35 -29.24
N LEU D 152 2.52 -7.54 -29.16
CA LEU D 152 3.46 -6.50 -29.57
C LEU D 152 3.37 -6.27 -31.07
N GLU D 153 3.26 -7.35 -31.87
CA GLU D 153 3.07 -7.26 -33.32
C GLU D 153 1.83 -6.44 -33.69
N MET D 154 0.70 -6.69 -32.99
CA MET D 154 -0.55 -5.98 -33.23
C MET D 154 -0.55 -4.53 -32.70
N GLY D 155 0.32 -4.21 -31.76
CA GLY D 155 0.38 -2.88 -31.15
C GLY D 155 -0.69 -2.62 -30.10
N TRP D 156 -1.45 -3.65 -29.71
CA TRP D 156 -2.51 -3.51 -28.71
C TRP D 156 -2.66 -4.82 -27.98
N GLY D 157 -2.95 -4.75 -26.69
CA GLY D 157 -3.18 -5.94 -25.91
C GLY D 157 -3.64 -5.65 -24.50
N ARG D 158 -4.11 -6.69 -23.84
CA ARG D 158 -4.58 -6.62 -22.46
C ARG D 158 -4.18 -7.90 -21.79
N ILE D 159 -3.41 -7.80 -20.71
CA ILE D 159 -3.03 -8.94 -19.88
C ILE D 159 -3.71 -8.67 -18.54
N ILE D 160 -4.63 -9.57 -18.14
CA ILE D 160 -5.39 -9.45 -16.90
C ILE D 160 -5.12 -10.69 -16.07
N ASN D 161 -4.47 -10.51 -14.92
CA ASN D 161 -4.12 -11.60 -14.02
C ASN D 161 -5.09 -11.70 -12.88
N ILE D 162 -5.79 -12.83 -12.74
CA ILE D 162 -6.72 -13.01 -11.63
C ILE D 162 -5.88 -13.50 -10.47
N SER D 163 -5.62 -12.62 -9.52
CA SER D 163 -4.83 -12.95 -8.35
C SER D 163 -5.81 -13.26 -7.21
N SER D 164 -5.85 -12.46 -6.13
CA SER D 164 -6.70 -12.71 -4.97
C SER D 164 -6.38 -11.64 -3.90
N THR D 165 -7.22 -11.55 -2.86
CA THR D 165 -6.89 -10.72 -1.70
C THR D 165 -5.59 -11.30 -1.03
N ALA D 166 -5.26 -12.61 -1.24
CA ALA D 166 -4.03 -13.24 -0.76
C ALA D 166 -2.78 -12.75 -1.51
N GLY D 167 -2.95 -11.99 -2.59
CA GLY D 167 -1.87 -11.32 -3.30
C GLY D 167 -1.61 -9.93 -2.76
N LEU D 168 -2.50 -9.40 -1.87
CA LEU D 168 -2.42 -8.07 -1.29
C LEU D 168 -2.24 -8.06 0.21
N THR D 169 -2.64 -9.14 0.88
CA THR D 169 -2.51 -9.28 2.32
C THR D 169 -2.24 -10.77 2.63
N GLY D 170 -1.80 -11.01 3.85
CA GLY D 170 -1.52 -12.36 4.30
C GLY D 170 -2.72 -13.01 4.95
N TYR D 171 -2.71 -14.35 4.98
CA TYR D 171 -3.71 -15.17 5.66
C TYR D 171 -2.96 -16.30 6.34
N PRO D 172 -3.22 -16.62 7.62
CA PRO D 172 -2.53 -17.75 8.23
C PRO D 172 -2.94 -19.06 7.53
N TYR D 173 -2.06 -20.05 7.57
CA TYR D 173 -2.29 -21.35 6.95
C TYR D 173 -2.41 -21.30 5.43
N ALA D 174 -2.01 -20.20 4.78
CA ALA D 174 -2.04 -20.06 3.34
C ALA D 174 -0.73 -19.36 2.87
N VAL D 175 0.41 -19.69 3.49
CA VAL D 175 1.69 -19.05 3.19
C VAL D 175 2.12 -19.27 1.70
N PRO D 176 2.16 -20.50 1.15
CA PRO D 176 2.52 -20.65 -0.26
C PRO D 176 1.54 -19.98 -1.22
N TYR D 177 0.23 -19.99 -0.91
CA TYR D 177 -0.77 -19.31 -1.74
C TYR D 177 -0.53 -17.80 -1.72
N CYS D 178 -0.27 -17.20 -0.54
CA CYS D 178 0.01 -15.76 -0.46
C CYS D 178 1.30 -15.40 -1.19
N ALA D 179 2.37 -16.20 -1.02
CA ALA D 179 3.64 -15.95 -1.69
C ALA D 179 3.46 -15.98 -3.22
N ALA D 180 2.76 -16.99 -3.76
CA ALA D 180 2.58 -17.07 -5.21
C ALA D 180 1.66 -15.97 -5.75
N LYS D 181 0.55 -15.67 -5.04
CA LYS D 181 -0.38 -14.61 -5.48
C LYS D 181 0.25 -13.22 -5.38
N HIS D 182 1.14 -12.97 -4.38
CA HIS D 182 1.84 -11.68 -4.28
C HIS D 182 2.83 -11.59 -5.45
N GLY D 183 3.50 -12.70 -5.79
CA GLY D 183 4.40 -12.77 -6.92
C GLY D 183 3.72 -12.41 -8.22
N LEU D 184 2.45 -12.78 -8.38
CA LEU D 184 1.67 -12.43 -9.56
C LEU D 184 1.41 -10.90 -9.63
N ILE D 185 1.25 -10.21 -8.49
CA ILE D 185 1.12 -8.74 -8.46
C ILE D 185 2.47 -8.11 -8.88
N GLY D 186 3.59 -8.68 -8.42
CA GLY D 186 4.92 -8.21 -8.80
C GLY D 186 5.20 -8.34 -10.28
N LEU D 187 4.77 -9.48 -10.86
CA LEU D 187 4.87 -9.72 -12.29
C LEU D 187 4.01 -8.64 -13.02
N THR D 188 2.76 -8.47 -12.56
CA THR D 188 1.83 -7.47 -13.10
C THR D 188 2.44 -6.06 -13.14
N ARG D 189 3.01 -5.60 -12.02
CA ARG D 189 3.56 -4.25 -11.89
C ARG D 189 4.77 -3.99 -12.78
N ALA D 190 5.74 -4.90 -12.77
CA ALA D 190 6.96 -4.73 -13.55
C ALA D 190 6.67 -4.79 -15.03
N LEU D 191 5.81 -5.73 -15.46
CA LEU D 191 5.47 -5.87 -16.87
C LEU D 191 4.62 -4.66 -17.36
N ALA D 192 3.78 -4.07 -16.49
CA ALA D 192 3.01 -2.88 -16.84
C ALA D 192 3.94 -1.72 -17.18
N LEU D 193 5.06 -1.58 -16.47
CA LEU D 193 6.02 -0.52 -16.74
C LEU D 193 6.82 -0.82 -18.02
N GLU D 194 7.21 -2.08 -18.21
CA GLU D 194 7.95 -2.50 -19.39
C GLU D 194 7.14 -2.32 -20.68
N LEU D 195 5.84 -2.60 -20.64
CA LEU D 195 4.97 -2.48 -21.82
C LEU D 195 4.14 -1.19 -21.85
N ALA D 196 4.44 -0.20 -20.97
CA ALA D 196 3.66 1.02 -20.87
C ALA D 196 3.48 1.78 -22.20
N GLN D 197 4.54 1.89 -23.01
CA GLN D 197 4.47 2.57 -24.30
C GLN D 197 4.37 1.59 -25.47
N ARG D 198 3.86 0.36 -25.26
CA ARG D 198 3.73 -0.64 -26.31
C ARG D 198 2.26 -1.02 -26.63
N GLY D 199 1.31 -0.18 -26.22
CA GLY D 199 -0.11 -0.42 -26.47
C GLY D 199 -0.78 -1.49 -25.62
N ILE D 200 -0.07 -2.05 -24.63
CA ILE D 200 -0.59 -3.14 -23.79
C ILE D 200 -0.66 -2.70 -22.33
N THR D 201 -1.78 -3.00 -21.65
CA THR D 201 -1.93 -2.75 -20.22
C THR D 201 -1.86 -4.09 -19.50
N VAL D 202 -1.26 -4.10 -18.30
CA VAL D 202 -1.14 -5.31 -17.48
C VAL D 202 -1.75 -4.95 -16.13
N ASN D 203 -2.82 -5.64 -15.73
CA ASN D 203 -3.50 -5.39 -14.46
C ASN D 203 -3.87 -6.69 -13.76
N ALA D 204 -4.13 -6.61 -12.45
CA ALA D 204 -4.55 -7.75 -11.63
C ALA D 204 -5.88 -7.48 -10.97
N ILE D 205 -6.74 -8.48 -10.95
CA ILE D 205 -8.02 -8.39 -10.24
C ILE D 205 -7.90 -9.36 -9.08
N CYS D 206 -8.17 -8.86 -7.86
CA CYS D 206 -7.97 -9.56 -6.62
C CYS D 206 -9.28 -9.83 -5.87
N PRO D 207 -10.01 -10.91 -6.24
CA PRO D 207 -11.26 -11.18 -5.53
C PRO D 207 -11.06 -11.76 -4.14
N GLY D 208 -12.03 -11.52 -3.27
CA GLY D 208 -12.07 -12.15 -1.96
C GLY D 208 -12.77 -13.50 -2.11
N PHE D 209 -13.41 -13.99 -1.03
CA PHE D 209 -14.12 -15.28 -1.11
C PHE D 209 -15.32 -15.12 -2.05
N THR D 210 -15.34 -15.91 -3.14
CA THR D 210 -16.36 -15.84 -4.19
C THR D 210 -17.23 -17.06 -4.15
N ASP D 211 -18.55 -16.89 -4.38
CA ASP D 211 -19.51 -18.00 -4.34
C ASP D 211 -19.35 -18.95 -5.54
N THR D 212 -18.47 -19.99 -5.38
CA THR D 212 -18.15 -21.00 -6.40
C THR D 212 -18.10 -22.44 -5.78
N ASP D 213 -18.13 -23.47 -6.65
CA ASP D 213 -17.99 -24.87 -6.23
C ASP D 213 -16.60 -25.12 -5.60
N LEU D 214 -15.56 -24.42 -6.09
CA LEU D 214 -14.20 -24.51 -5.56
C LEU D 214 -14.17 -23.98 -4.11
N LEU D 215 -14.93 -22.90 -3.81
CA LEU D 215 -14.99 -22.35 -2.47
C LEU D 215 -15.60 -23.37 -1.52
N GLN D 216 -16.66 -24.08 -1.94
CA GLN D 216 -17.31 -25.09 -1.09
C GLN D 216 -16.33 -26.21 -0.67
N ALA D 217 -15.36 -26.55 -1.54
CA ALA D 217 -14.36 -27.55 -1.21
C ALA D 217 -13.39 -27.02 -0.13
N SER D 218 -12.97 -25.75 -0.24
CA SER D 218 -12.09 -25.12 0.73
C SER D 218 -12.79 -24.96 2.11
N VAL D 219 -14.12 -24.72 2.09
CA VAL D 219 -14.94 -24.57 3.31
C VAL D 219 -14.94 -25.92 4.05
N LEU D 220 -15.25 -27.01 3.33
CA LEU D 220 -15.29 -28.36 3.89
C LEU D 220 -13.93 -28.80 4.43
N ARG D 221 -12.85 -28.41 3.75
CA ARG D 221 -11.48 -28.73 4.15
C ARG D 221 -11.12 -28.07 5.50
N VAL D 222 -11.35 -26.74 5.64
CA VAL D 222 -11.02 -26.05 6.88
C VAL D 222 -11.98 -26.45 8.02
N ALA D 223 -13.24 -26.81 7.71
CA ALA D 223 -14.19 -27.27 8.73
C ALA D 223 -13.72 -28.60 9.33
N GLN D 224 -13.22 -29.51 8.47
CA GLN D 224 -12.69 -30.81 8.91
C GLN D 224 -11.35 -30.68 9.66
N ARG D 225 -10.63 -29.55 9.50
CA ARG D 225 -9.34 -29.31 10.17
C ARG D 225 -9.46 -28.49 11.46
N THR D 226 -10.54 -27.69 11.63
CA THR D 226 -10.74 -26.86 12.84
C THR D 226 -11.87 -27.38 13.75
N ALA D 227 -12.36 -28.62 13.54
CA ALA D 227 -13.45 -29.22 14.32
C ALA D 227 -14.71 -28.32 14.38
N ARG D 228 -15.09 -27.73 13.24
CA ARG D 228 -16.25 -26.84 13.13
C ARG D 228 -17.19 -27.31 12.02
N ALA D 229 -18.45 -26.88 12.09
CA ALA D 229 -19.44 -27.25 11.07
C ALA D 229 -19.16 -26.46 9.78
N PRO D 230 -19.40 -27.00 8.56
CA PRO D 230 -19.15 -26.18 7.35
C PRO D 230 -19.95 -24.88 7.29
N GLU D 231 -21.13 -24.84 7.91
CA GLU D 231 -21.95 -23.62 7.90
C GLU D 231 -21.29 -22.51 8.73
N ALA D 232 -20.63 -22.86 9.86
CA ALA D 232 -19.91 -21.88 10.68
C ALA D 232 -18.69 -21.31 9.94
N VAL D 233 -18.02 -22.16 9.14
CA VAL D 233 -16.86 -21.77 8.34
C VAL D 233 -17.33 -20.84 7.21
N LEU D 234 -18.47 -21.14 6.55
CA LEU D 234 -19.01 -20.27 5.51
C LEU D 234 -19.32 -18.86 6.07
N GLU D 235 -19.88 -18.80 7.28
CA GLU D 235 -20.21 -17.55 7.96
C GLU D 235 -18.93 -16.80 8.35
N LEU D 236 -17.89 -17.53 8.79
CA LEU D 236 -16.60 -16.93 9.15
C LEU D 236 -15.91 -16.30 7.93
N PHE D 237 -15.99 -16.96 6.76
CA PHE D 237 -15.41 -16.41 5.54
C PHE D 237 -16.22 -15.21 5.05
N ALA D 238 -17.56 -15.28 5.10
CA ALA D 238 -18.40 -14.15 4.71
C ALA D 238 -18.23 -12.96 5.72
N ARG D 239 -17.81 -13.23 6.99
CA ARG D 239 -17.57 -12.19 7.99
C ARG D 239 -16.33 -11.37 7.66
N ARG D 240 -15.35 -11.91 6.90
CA ARG D 240 -14.19 -11.11 6.47
C ARG D 240 -14.63 -10.02 5.48
N ASN D 241 -15.68 -10.28 4.67
CA ASN D 241 -16.24 -9.30 3.77
C ASN D 241 -17.10 -8.32 4.58
N PRO D 242 -16.79 -7.01 4.66
CA PRO D 242 -17.64 -6.09 5.44
C PRO D 242 -19.11 -6.04 5.01
N GLN D 243 -19.39 -6.38 3.74
CA GLN D 243 -20.76 -6.39 3.20
C GLN D 243 -21.62 -7.59 3.71
N GLY D 244 -21.02 -8.54 4.41
CA GLY D 244 -21.73 -9.67 5.01
C GLY D 244 -22.23 -10.70 4.03
N ARG D 245 -21.57 -10.82 2.88
CA ARG D 245 -21.96 -11.76 1.83
C ARG D 245 -20.72 -12.17 1.03
N LEU D 246 -20.84 -13.23 0.22
CA LEU D 246 -19.76 -13.66 -0.64
C LEU D 246 -19.79 -12.82 -1.93
N VAL D 247 -18.63 -12.68 -2.57
CA VAL D 247 -18.52 -11.96 -3.84
C VAL D 247 -19.17 -12.87 -4.90
N ARG D 248 -19.90 -12.28 -5.87
CA ARG D 248 -20.53 -13.05 -6.94
C ARG D 248 -19.51 -13.20 -8.10
N PRO D 249 -19.42 -14.35 -8.80
CA PRO D 249 -18.50 -14.44 -9.95
C PRO D 249 -18.68 -13.34 -11.03
N GLU D 250 -19.94 -12.87 -11.22
CA GLU D 250 -20.30 -11.82 -12.19
C GLU D 250 -19.61 -10.50 -11.83
N GLU D 251 -19.43 -10.22 -10.53
CA GLU D 251 -18.78 -9.00 -10.06
C GLU D 251 -17.30 -8.99 -10.40
N VAL D 252 -16.64 -10.17 -10.36
CA VAL D 252 -15.24 -10.29 -10.75
C VAL D 252 -15.14 -10.07 -12.28
N ALA D 253 -16.04 -10.72 -13.04
CA ALA D 253 -16.11 -10.61 -14.51
C ALA D 253 -16.34 -9.18 -14.98
N TRP D 254 -17.15 -8.40 -14.23
CA TRP D 254 -17.45 -7.00 -14.54
C TRP D 254 -16.17 -6.16 -14.54
N ALA D 255 -15.28 -6.41 -13.57
CA ALA D 255 -13.99 -5.72 -13.49
C ALA D 255 -13.05 -6.10 -14.63
N VAL D 256 -13.14 -7.35 -15.13
CA VAL D 256 -12.30 -7.83 -16.24
C VAL D 256 -12.69 -7.14 -17.56
N VAL D 257 -13.99 -7.20 -17.92
CA VAL D 257 -14.47 -6.64 -19.19
C VAL D 257 -14.28 -5.10 -19.25
N TRP D 258 -14.39 -4.41 -18.10
CA TRP D 258 -14.15 -2.97 -17.98
C TRP D 258 -12.74 -2.61 -18.46
N LEU D 259 -11.75 -3.42 -18.06
CA LEU D 259 -10.35 -3.18 -18.43
C LEU D 259 -10.07 -3.37 -19.90
N CYS D 260 -10.82 -4.23 -20.60
CA CYS D 260 -10.60 -4.49 -22.03
C CYS D 260 -10.96 -3.32 -22.96
N SER D 261 -11.71 -2.33 -22.48
CA SER D 261 -12.08 -1.17 -23.29
C SER D 261 -10.86 -0.30 -23.60
N GLU D 262 -10.92 0.44 -24.72
CA GLU D 262 -9.86 1.39 -25.06
C GLU D 262 -9.89 2.59 -24.09
N LYS D 263 -11.08 2.92 -23.50
CA LYS D 263 -11.16 3.99 -22.49
C LYS D 263 -10.47 3.61 -21.17
N ALA D 264 -10.12 2.32 -20.95
CA ALA D 264 -9.37 1.87 -19.78
C ALA D 264 -7.86 1.76 -20.09
N ALA D 265 -7.34 2.46 -21.11
CA ALA D 265 -5.92 2.42 -21.43
C ALA D 265 -5.10 3.03 -20.28
N ALA D 266 -5.63 4.05 -19.57
CA ALA D 266 -4.91 4.67 -18.45
C ALA D 266 -4.86 3.77 -17.19
N ILE D 267 -5.57 2.63 -17.18
CA ILE D 267 -5.57 1.71 -16.03
C ILE D 267 -4.43 0.73 -16.33
N ASN D 268 -3.29 0.89 -15.66
CA ASN D 268 -2.13 0.05 -15.92
C ASN D 268 -1.33 -0.19 -14.64
N GLY D 269 -0.94 -1.44 -14.41
CA GLY D 269 -0.19 -1.84 -13.22
C GLY D 269 -1.00 -1.82 -11.95
N GLN D 270 -2.33 -1.91 -12.06
CA GLN D 270 -3.21 -1.83 -10.90
C GLN D 270 -3.67 -3.16 -10.39
N ALA D 271 -4.00 -3.21 -9.10
CA ALA D 271 -4.55 -4.38 -8.46
C ALA D 271 -5.92 -3.93 -7.96
N ILE D 272 -6.99 -4.42 -8.60
CA ILE D 272 -8.35 -4.05 -8.27
C ILE D 272 -8.92 -5.10 -7.30
N ALA D 273 -9.19 -4.73 -6.04
CA ALA D 273 -9.77 -5.66 -5.08
C ALA D 273 -11.29 -5.72 -5.23
N VAL D 274 -11.84 -6.95 -5.37
CA VAL D 274 -13.27 -7.19 -5.50
C VAL D 274 -13.62 -8.03 -4.24
N ALA D 275 -13.71 -7.34 -3.10
CA ALA D 275 -13.91 -8.00 -1.82
C ALA D 275 -14.74 -7.21 -0.78
N GLY D 276 -15.61 -6.31 -1.24
CA GLY D 276 -16.50 -5.53 -0.38
C GLY D 276 -15.90 -4.60 0.66
N GLY D 277 -14.58 -4.41 0.63
CA GLY D 277 -13.88 -3.57 1.60
C GLY D 277 -12.93 -4.33 2.52
N GLU D 278 -12.77 -5.65 2.32
CA GLU D 278 -11.88 -6.48 3.15
C GLU D 278 -10.45 -5.97 3.04
N VAL D 279 -10.02 -5.71 1.79
CA VAL D 279 -8.73 -5.12 1.48
C VAL D 279 -9.06 -3.79 0.81
N MET D 280 -8.48 -2.69 1.30
CA MET D 280 -8.69 -1.36 0.72
C MET D 280 -7.36 -0.86 0.12
N VAL D 281 -7.21 -1.01 -1.20
CA VAL D 281 -5.96 -0.67 -1.92
C VAL D 281 -5.66 0.82 -1.99
N GLY D 282 -4.38 1.13 -2.09
CA GLY D 282 -3.91 2.51 -2.24
C GLY D 282 -2.38 2.54 -2.45
N LEU E 14 5.61 22.04 34.41
CA LEU E 14 6.32 23.06 33.63
C LEU E 14 7.70 23.44 34.21
N VAL E 15 8.24 22.65 35.16
CA VAL E 15 9.51 22.98 35.81
C VAL E 15 10.68 23.13 34.76
N PRO E 16 11.32 24.33 34.65
CA PRO E 16 12.40 24.49 33.67
C PRO E 16 13.75 23.93 34.12
N ARG E 17 14.74 23.86 33.19
CA ARG E 17 16.11 23.35 33.41
C ARG E 17 16.15 21.84 33.26
MG MG F . -3.34 -1.93 2.48
MG MG G . 2.01 2.00 -2.47
#